data_8XWQ
#
_entry.id   8XWQ
#
_cell.length_a   1.00
_cell.length_b   1.00
_cell.length_c   1.00
_cell.angle_alpha   90.00
_cell.angle_beta   90.00
_cell.angle_gamma   90.00
#
_symmetry.space_group_name_H-M   'P 1'
#
loop_
_entity.id
_entity.type
_entity.pdbx_description
1 polymer 'Endothelin receptor type B'
2 polymer Endothelin-1
3 polymer 'Guanine nucleotide-binding protein G(i) subunit alpha-1'
4 polymer 'Guanine nucleotide-binding protein G(I)/G(S)/G(T) subunit beta-1'
5 polymer 'Guanine nucleotide-binding protein G(I)/G(S)/G(O) subunit gamma-2'
6 polymer SCFV16
#
loop_
_entity_poly.entity_id
_entity_poly.type
_entity_poly.pdbx_seq_one_letter_code
_entity_poly.pdbx_strand_id
1 'polypeptide(L)'
;PGGGLAPAEVPKGDRTAGSPPRTISPPPCQGPIEIKETFKYINTVVSCLVFVLGIIGNSTLLYIIYKNKCMRNGPNILIA
SLALGDLLHIVIDIPINVYKLLAEDWPFGAEMCKLVPFIQKASVGITVLSLCALSIDRYRAVASWSRIKGIGVPKWTAVE
IVLIWVVSVVLAVPEAIGFDIITMDYKGSYLRICLLHPVQKTAFMQFYKTAKDWWLFSFYFCLPLAITAFFYTLMTCEML
RKKSGMQIALNDHLKQRREVAKTVFCLVLVFALCWLPLHLSRILKLTLYNQNDPNRCELLSFLLVLDYIGINMASLNSCI
NPIALYLVSKRFKNAFKSALCCWAQS
;
R
2 'polypeptide(L)' CSCSSLMDKECVYFCHLDIIW L
3 'polypeptide(L)'
;MGCTLSAEDKAAVERSKMIDRNLREDGEKAAREVKLLLLGAGESGKSTIVKQMKIIHEAGYSEEECKQYKAVVYSNTIQS
IIAIIRAMGRLKIDFGDSARADDARQLFVLAGAAEEGFMTAELAGVIKRLWKDSGVQACFNRSREYQLNDSAAYYLNDLD
RIAQPNYIPTQQDVLRTRVKTTGIVETHFTFKDLHFKMFDVGGQRSERKKWIHCFEGVTAIIFCVALSDYDLVLAEDEEM
NRMHESMKLFDSICNNKWFTDTSIILFLNKKDLFEEKIKKSPLTICYPEYAGSNTYEEAAAYIQCQFEDLNKRKDTKEIY
THFTCATDTKNVQFVFDAVTDVIIKNNLKDCGLF
;
A
4 'polypeptide(L)'
;PGSSGSELDQLRQEAEQLKNQIRDARKACADATLSQITNNIDPVGRIQMRTRRTLRGHLAKIYAMHWGTDSRLLVSASQD
GKLIIWDSYTTNKVHAIPLRSSWVMTCAYAPSGNYVACGGLDNICSIYNLKTREGNVRVSRELAGHTGYLSCCRFLDDNQ
IVTSSGDTTCALWDIETGQQTTTFTGHTGDVMSLSLAPDTRLFVSGACDASAKLWDVREGMCRQTFTGHESDINAICFFP
NGNAFATGSDDATCRLFDLRADQELMTYSHDNIICGITSVSFSKSGRLLLAGYDDFNCNVWDALKADRAGVLAGHDNRVS
CLGVTDDGMAVATGSWDSFLKIWN
;
B
5 'polypeptide(L)' MASNNTASIAQARKLVEQLKMEANIDRIKVSKAAADLMAYCEAHAKEDPLLTPVPASENPFREKKFFCAIL C
6 'polypeptide(L)'
;MVSAIVLYVLLAAAAHSAFADVQLVESGGGLVQPGGSRKLSCSASGFAFSSFGMHWVRQAPEKGLEWVAYISSGSGTIYY
ADTVKGRFTISRDDPKNTLFLQMTSLRSEDTAMYYCVRSIYYYGSSPFDFWGQGTTLTVSSGGGGSGGGGSGGGGSDIVM
TQATSSVPVTPGESVSISCRSSKSLLHSNGNTYLYWFLQRPGQSPQLLIYRMSNLASGVPDRFSGSGSGTAFTLTISRLE
AEDVGVYYCMQHLEYPLTFGAGTKLELKGSLEVLFQG
;
D
#
# COMPACT_ATOMS: atom_id res chain seq x y z
N PRO A 27 17.09 23.43 66.95
CA PRO A 27 15.94 23.25 67.85
C PRO A 27 15.28 21.89 67.69
N PRO A 28 15.52 20.99 68.65
CA PRO A 28 14.96 19.63 68.54
C PRO A 28 13.46 19.62 68.81
N CYS A 29 12.73 18.89 67.97
CA CYS A 29 11.31 18.65 68.19
C CYS A 29 11.12 17.35 68.96
N GLN A 30 9.87 17.03 69.27
CA GLN A 30 9.57 15.73 69.85
C GLN A 30 9.92 14.61 68.87
N GLY A 31 9.63 14.83 67.59
CA GLY A 31 10.02 13.91 66.54
C GLY A 31 9.18 12.66 66.41
N PRO A 32 7.83 12.79 66.34
CA PRO A 32 6.98 11.63 66.01
C PRO A 32 6.80 11.47 64.51
N ILE A 33 7.91 11.55 63.78
CA ILE A 33 7.89 11.60 62.32
C ILE A 33 7.91 10.15 61.83
N GLU A 34 6.74 9.67 61.39
CA GLU A 34 6.61 8.30 60.93
C GLU A 34 5.31 8.17 60.15
N ILE A 35 5.15 7.02 59.51
CA ILE A 35 3.96 6.71 58.73
C ILE A 35 3.10 5.75 59.54
N LYS A 36 1.81 6.03 59.62
CA LYS A 36 0.88 5.18 60.36
C LYS A 36 0.77 3.81 59.67
N GLU A 37 0.57 2.77 60.49
CA GLU A 37 0.46 1.42 59.95
C GLU A 37 -0.74 1.28 59.00
N THR A 38 -1.88 1.87 59.38
CA THR A 38 -3.07 1.75 58.55
C THR A 38 -2.90 2.43 57.20
N PHE A 39 -2.26 3.60 57.17
CA PHE A 39 -2.03 4.27 55.89
C PHE A 39 -1.14 3.43 55.00
N LYS A 40 -0.09 2.85 55.57
CA LYS A 40 0.77 1.95 54.80
C LYS A 40 -0.03 0.78 54.24
N TYR A 41 -0.86 0.16 55.08
CA TYR A 41 -1.63 -1.00 54.65
C TYR A 41 -2.56 -0.66 53.50
N ILE A 42 -3.27 0.47 53.61
CA ILE A 42 -4.20 0.84 52.55
C ILE A 42 -3.45 1.26 51.29
N ASN A 43 -2.33 1.96 51.45
CA ASN A 43 -1.59 2.42 50.28
C ASN A 43 -0.99 1.26 49.51
N THR A 44 -0.62 0.17 50.21
CA THR A 44 -0.09 -1.00 49.52
C THR A 44 -1.10 -1.52 48.49
N VAL A 45 -2.33 -1.77 48.92
CA VAL A 45 -3.33 -2.33 48.00
C VAL A 45 -3.73 -1.29 46.96
N VAL A 46 -3.82 -0.01 47.36
CA VAL A 46 -4.16 1.03 46.38
C VAL A 46 -3.14 1.05 45.26
N SER A 47 -1.86 1.04 45.62
CA SER A 47 -0.80 1.09 44.62
C SER A 47 -0.78 -0.16 43.76
N CYS A 48 -0.95 -1.34 44.38
CA CYS A 48 -0.98 -2.56 43.60
C CYS A 48 -2.10 -2.54 42.58
N LEU A 49 -3.30 -2.13 42.99
CA LEU A 49 -4.43 -2.07 42.08
C LEU A 49 -4.19 -1.08 40.95
N VAL A 50 -3.70 0.11 41.28
CA VAL A 50 -3.48 1.13 40.26
C VAL A 50 -2.43 0.65 39.26
N PHE A 51 -1.35 0.06 39.76
CA PHE A 51 -0.28 -0.41 38.88
C PHE A 51 -0.78 -1.52 37.97
N VAL A 52 -1.53 -2.48 38.52
CA VAL A 52 -2.04 -3.59 37.70
C VAL A 52 -2.98 -3.06 36.62
N LEU A 53 -3.90 -2.17 37.01
CA LEU A 53 -4.84 -1.64 36.03
C LEU A 53 -4.13 -0.86 34.94
N GLY A 54 -3.14 -0.03 35.33
CA GLY A 54 -2.40 0.72 34.34
C GLY A 54 -1.65 -0.18 33.36
N ILE A 55 -0.95 -1.19 33.88
CA ILE A 55 -0.16 -2.03 32.99
C ILE A 55 -1.06 -2.82 32.05
N ILE A 56 -2.17 -3.36 32.55
CA ILE A 56 -3.03 -4.14 31.67
C ILE A 56 -3.69 -3.25 30.61
N GLY A 57 -4.16 -2.06 31.02
CA GLY A 57 -4.78 -1.17 30.05
C GLY A 57 -3.79 -0.72 28.99
N ASN A 58 -2.57 -0.38 29.39
CA ASN A 58 -1.58 0.06 28.41
C ASN A 58 -1.15 -1.10 27.51
N SER A 59 -1.04 -2.31 28.05
CA SER A 59 -0.67 -3.45 27.22
C SER A 59 -1.73 -3.73 26.16
N THR A 60 -3.00 -3.71 26.55
CA THR A 60 -4.04 -3.95 25.55
C THR A 60 -4.14 -2.78 24.58
N LEU A 61 -3.86 -1.56 25.03
CA LEU A 61 -3.80 -0.43 24.11
C LEU A 61 -2.71 -0.63 23.07
N LEU A 62 -1.54 -1.09 23.51
CA LEU A 62 -0.44 -1.35 22.57
C LEU A 62 -0.83 -2.44 21.57
N TYR A 63 -1.45 -3.53 22.06
CA TYR A 63 -1.88 -4.59 21.15
C TYR A 63 -2.85 -4.06 20.11
N ILE A 64 -3.84 -3.27 20.54
CA ILE A 64 -4.84 -2.76 19.61
C ILE A 64 -4.24 -1.76 18.64
N ILE A 65 -3.30 -0.93 19.12
CA ILE A 65 -2.62 0.01 18.26
C ILE A 65 -1.83 -0.72 17.19
N TYR A 66 -1.16 -1.81 17.55
CA TYR A 66 -0.46 -2.62 16.57
C TYR A 66 -1.42 -3.27 15.58
N LYS A 67 -2.59 -3.71 16.03
CA LYS A 67 -3.59 -4.25 15.12
C LYS A 67 -4.24 -3.16 14.26
N ASN A 68 -4.01 -1.89 14.57
CA ASN A 68 -4.59 -0.79 13.82
C ASN A 68 -3.71 -0.36 12.66
N LYS A 69 -3.39 -1.28 11.75
CA LYS A 69 -2.70 -0.90 10.53
C LYS A 69 -3.65 -0.37 9.45
N CYS A 70 -4.95 -0.52 9.66
CA CYS A 70 -5.92 0.20 8.82
C CYS A 70 -6.15 1.60 9.33
N MET A 71 -5.96 1.84 10.63
CA MET A 71 -6.06 3.16 11.24
C MET A 71 -4.72 3.60 11.82
N ARG A 72 -3.64 3.33 11.09
CA ARG A 72 -2.32 3.79 11.48
C ARG A 72 -2.14 5.22 10.97
N ASN A 73 -2.06 6.18 11.89
CA ASN A 73 -1.94 7.58 11.53
C ASN A 73 -1.14 8.30 12.60
N GLY A 74 -0.93 9.60 12.38
CA GLY A 74 -0.16 10.42 13.30
C GLY A 74 -0.70 10.40 14.72
N PRO A 75 -2.00 10.69 14.86
CA PRO A 75 -2.61 10.53 16.20
C PRO A 75 -2.46 9.14 16.76
N ASN A 76 -2.55 8.10 15.92
CA ASN A 76 -2.37 6.73 16.40
C ASN A 76 -0.97 6.53 16.96
N ILE A 77 0.05 7.03 16.25
CA ILE A 77 1.42 6.92 16.73
C ILE A 77 1.59 7.68 18.02
N LEU A 78 0.98 8.87 18.11
CA LEU A 78 1.07 9.66 19.34
C LEU A 78 0.45 8.91 20.51
N ILE A 79 -0.71 8.28 20.29
CA ILE A 79 -1.36 7.51 21.35
C ILE A 79 -0.48 6.35 21.78
N ALA A 80 0.13 5.66 20.81
CA ALA A 80 1.02 4.56 21.13
C ALA A 80 2.22 5.03 21.95
N SER A 81 2.80 6.18 21.57
CA SER A 81 3.92 6.73 22.33
C SER A 81 3.51 7.08 23.74
N LEU A 82 2.33 7.69 23.89
CA LEU A 82 1.83 8.01 25.22
C LEU A 82 1.67 6.76 26.06
N ALA A 83 1.08 5.72 25.48
CA ALA A 83 0.90 4.47 26.22
C ALA A 83 2.23 3.86 26.63
N LEU A 84 3.20 3.85 25.72
CA LEU A 84 4.50 3.27 26.04
C LEU A 84 5.19 4.03 27.15
N GLY A 85 5.25 5.36 27.01
CA GLY A 85 5.86 6.17 28.06
C GLY A 85 5.16 6.02 29.39
N ASP A 86 3.83 5.94 29.36
CA ASP A 86 3.07 5.79 30.60
C ASP A 86 3.36 4.45 31.26
N LEU A 87 3.39 3.38 30.47
CA LEU A 87 3.68 2.06 31.03
C LEU A 87 5.07 2.03 31.63
N LEU A 88 6.05 2.59 30.91
CA LEU A 88 7.41 2.64 31.43
C LEU A 88 7.47 3.45 32.72
N HIS A 89 6.76 4.57 32.76
CA HIS A 89 6.73 5.42 33.96
C HIS A 89 6.19 4.65 35.15
N ILE A 90 5.04 3.99 34.98
CA ILE A 90 4.45 3.23 36.08
C ILE A 90 5.40 2.12 36.52
N VAL A 91 5.97 1.39 35.55
CA VAL A 91 6.82 0.26 35.87
C VAL A 91 8.04 0.70 36.67
N ILE A 92 8.68 1.80 36.26
CA ILE A 92 9.84 2.28 37.01
C ILE A 92 9.47 2.86 38.36
N ASP A 93 8.37 3.62 38.45
CA ASP A 93 8.05 4.34 39.67
C ASP A 93 7.48 3.44 40.77
N ILE A 94 6.37 2.76 40.48
CA ILE A 94 5.55 2.18 41.55
C ILE A 94 6.32 1.18 42.42
N PRO A 95 7.00 0.18 41.87
CA PRO A 95 7.52 -0.90 42.75
C PRO A 95 8.51 -0.41 43.80
N ILE A 96 9.49 0.40 43.42
CA ILE A 96 10.50 0.82 44.38
C ILE A 96 9.89 1.75 45.41
N ASN A 97 9.05 2.69 44.96
CA ASN A 97 8.42 3.62 45.89
C ASN A 97 7.58 2.89 46.92
N VAL A 98 6.78 1.90 46.47
CA VAL A 98 5.97 1.18 47.43
C VAL A 98 6.81 0.29 48.32
N TYR A 99 7.87 -0.34 47.80
CA TYR A 99 8.74 -1.13 48.65
C TYR A 99 9.43 -0.28 49.70
N LYS A 100 9.64 1.00 49.41
CA LYS A 100 10.15 1.90 50.43
C LYS A 100 9.27 1.95 51.66
N LEU A 101 7.97 1.71 51.52
CA LEU A 101 7.11 1.56 52.68
C LEU A 101 7.39 0.30 53.47
N LEU A 102 8.07 -0.68 52.87
CA LEU A 102 8.37 -1.94 53.54
C LEU A 102 9.70 -1.90 54.26
N ALA A 103 10.79 -1.69 53.51
CA ALA A 103 12.12 -1.74 54.09
C ALA A 103 12.64 -0.38 54.50
N GLU A 104 12.19 0.69 53.86
CA GLU A 104 12.67 2.06 54.06
C GLU A 104 14.17 2.09 54.34
N ASP A 105 14.91 1.36 53.50
CA ASP A 105 16.37 1.27 53.64
C ASP A 105 17.13 1.40 52.32
N TRP A 106 16.46 1.29 51.17
CA TRP A 106 17.10 1.33 49.86
C TRP A 106 18.30 0.40 49.79
N PRO A 107 18.08 -0.92 49.72
CA PRO A 107 19.21 -1.86 49.62
C PRO A 107 19.85 -1.95 48.24
N PHE A 108 19.48 -1.06 47.32
CA PHE A 108 20.01 -1.13 45.97
C PHE A 108 21.28 -0.30 45.83
N GLY A 109 22.04 -0.55 44.75
CA GLY A 109 23.36 0.02 44.60
C GLY A 109 23.36 1.43 44.06
N ALA A 110 24.57 1.94 43.84
CA ALA A 110 24.75 3.32 43.40
C ALA A 110 24.15 3.57 42.02
N GLU A 111 24.32 2.62 41.10
CA GLU A 111 23.86 2.83 39.74
C GLU A 111 22.34 2.98 39.68
N MET A 112 21.61 2.07 40.32
CA MET A 112 20.16 2.19 40.36
C MET A 112 19.73 3.45 41.11
N CYS A 113 20.42 3.75 42.22
CA CYS A 113 20.12 4.93 43.00
C CYS A 113 20.20 6.21 42.18
N LYS A 114 21.22 6.32 41.32
CA LYS A 114 21.38 7.49 40.49
C LYS A 114 20.56 7.45 39.21
N LEU A 115 20.13 6.26 38.78
CA LEU A 115 19.41 6.11 37.52
C LEU A 115 17.90 6.26 37.66
N VAL A 116 17.32 5.75 38.75
CA VAL A 116 15.85 5.72 38.86
C VAL A 116 15.24 7.11 38.74
N PRO A 117 15.65 8.13 39.52
CA PRO A 117 14.97 9.43 39.39
C PRO A 117 15.08 10.04 38.01
N PHE A 118 16.22 9.87 37.35
CA PHE A 118 16.35 10.39 35.98
C PHE A 118 15.34 9.73 35.06
N ILE A 119 15.19 8.42 35.19
CA ILE A 119 14.23 7.71 34.35
C ILE A 119 12.81 8.18 34.62
N GLN A 120 12.45 8.33 35.90
CA GLN A 120 11.08 8.74 36.22
C GLN A 120 10.81 10.16 35.73
N LYS A 121 11.80 11.05 35.84
CA LYS A 121 11.60 12.41 35.33
C LYS A 121 11.44 12.41 33.82
N ALA A 122 12.27 11.64 33.12
CA ALA A 122 12.14 11.57 31.66
C ALA A 122 10.79 10.98 31.26
N SER A 123 10.31 10.01 32.03
CA SER A 123 9.00 9.42 31.74
C SER A 123 7.88 10.43 31.94
N VAL A 124 7.94 11.21 33.01
CA VAL A 124 6.94 12.25 33.22
C VAL A 124 6.97 13.25 32.07
N GLY A 125 8.19 13.60 31.63
CA GLY A 125 8.31 14.55 30.53
C GLY A 125 7.72 14.03 29.25
N ILE A 126 8.02 12.78 28.89
CA ILE A 126 7.46 12.24 27.66
C ILE A 126 5.95 12.12 27.78
N THR A 127 5.44 11.78 28.97
CA THR A 127 3.99 11.69 29.14
C THR A 127 3.32 13.03 28.90
N VAL A 128 3.85 14.09 29.53
CA VAL A 128 3.20 15.39 29.42
C VAL A 128 3.34 15.93 28.00
N LEU A 129 4.49 15.71 27.36
CA LEU A 129 4.65 16.19 25.99
C LEU A 129 3.80 15.39 25.02
N SER A 130 3.59 14.10 25.30
CA SER A 130 2.66 13.32 24.49
C SER A 130 1.24 13.84 24.63
N LEU A 131 0.84 14.21 25.84
CA LEU A 131 -0.46 14.83 26.01
C LEU A 131 -0.57 16.13 25.22
N CYS A 132 0.49 16.94 25.24
CA CYS A 132 0.51 18.17 24.46
C CYS A 132 0.38 17.89 22.97
N ALA A 133 1.09 16.88 22.48
CA ALA A 133 1.00 16.53 21.06
C ALA A 133 -0.38 16.02 20.71
N LEU A 134 -1.00 15.24 21.60
CA LEU A 134 -2.37 14.81 21.40
C LEU A 134 -3.29 16.02 21.29
N SER A 135 -3.09 17.01 22.17
CA SER A 135 -3.94 18.20 22.13
C SER A 135 -3.78 18.95 20.81
N ILE A 136 -2.54 19.13 20.36
CA ILE A 136 -2.34 19.92 19.14
C ILE A 136 -2.87 19.16 17.92
N ASP A 137 -2.70 17.84 17.88
CA ASP A 137 -3.23 17.09 16.75
C ASP A 137 -4.76 17.07 16.75
N ARG A 138 -5.37 16.87 17.91
CA ARG A 138 -6.82 16.83 17.97
C ARG A 138 -7.45 18.21 17.91
N TYR A 139 -6.65 19.28 17.97
CA TYR A 139 -7.10 20.62 17.61
C TYR A 139 -6.98 20.88 16.11
N ARG A 140 -5.83 20.56 15.51
CA ARG A 140 -5.69 20.71 14.07
C ARG A 140 -6.59 19.78 13.29
N ALA A 141 -7.16 18.76 13.96
CA ALA A 141 -8.12 17.89 13.29
C ALA A 141 -9.29 18.68 12.73
N VAL A 142 -9.86 19.58 13.52
CA VAL A 142 -10.94 20.44 13.04
C VAL A 142 -10.44 21.82 12.65
N ALA A 143 -9.22 22.21 13.02
CA ALA A 143 -8.69 23.51 12.66
C ALA A 143 -7.87 23.50 11.38
N SER A 144 -7.42 22.33 10.94
CA SER A 144 -6.59 22.20 9.75
C SER A 144 -7.19 21.16 8.81
N TRP A 145 -8.48 21.32 8.51
CA TRP A 145 -9.16 20.40 7.61
C TRP A 145 -8.84 20.75 6.17
N SER A 146 -7.54 20.81 5.85
CA SER A 146 -7.07 21.02 4.48
C SER A 146 -6.46 19.76 3.91
N ARG A 147 -5.50 19.16 4.61
CA ARG A 147 -4.98 17.84 4.28
C ARG A 147 -5.92 16.79 4.85
N ILE A 148 -7.20 16.88 4.43
CA ILE A 148 -8.31 16.22 5.12
C ILE A 148 -8.02 14.74 5.37
N LYS A 149 -7.23 14.11 4.51
CA LYS A 149 -7.02 12.68 4.63
C LYS A 149 -5.54 12.32 4.69
N GLY A 150 -5.23 11.03 4.59
CA GLY A 150 -3.87 10.55 4.69
C GLY A 150 -3.71 9.55 5.82
N ILE A 151 -3.56 8.27 5.46
CA ILE A 151 -3.38 7.19 6.41
C ILE A 151 -1.95 6.69 6.29
N GLY A 152 -1.22 6.68 7.40
CA GLY A 152 0.15 6.24 7.42
C GLY A 152 1.01 7.02 8.38
N VAL A 153 2.25 7.31 7.98
CA VAL A 153 3.17 8.11 8.79
C VAL A 153 3.17 9.52 8.21
N PRO A 154 2.73 10.53 8.95
CA PRO A 154 2.69 11.89 8.41
C PRO A 154 4.09 12.47 8.25
N LYS A 155 4.13 13.72 7.80
CA LYS A 155 5.38 14.35 7.40
C LYS A 155 6.26 14.69 8.60
N TRP A 156 5.79 15.58 9.48
CA TRP A 156 6.62 16.11 10.54
C TRP A 156 6.17 15.71 11.95
N THR A 157 5.22 14.78 12.06
CA THR A 157 4.92 14.23 13.38
C THR A 157 6.08 13.41 13.92
N ALA A 158 6.77 12.67 13.05
CA ALA A 158 7.95 11.93 13.47
C ALA A 158 9.03 12.87 14.00
N VAL A 159 9.09 14.09 13.50
CA VAL A 159 9.98 15.09 14.07
C VAL A 159 9.59 15.40 15.51
N GLU A 160 8.29 15.61 15.74
CA GLU A 160 7.82 16.02 17.05
C GLU A 160 8.02 14.92 18.10
N ILE A 161 7.75 13.67 17.73
CA ILE A 161 7.89 12.59 18.71
C ILE A 161 9.35 12.42 19.14
N VAL A 162 10.27 12.45 18.18
CA VAL A 162 11.68 12.31 18.51
C VAL A 162 12.17 13.52 19.29
N LEU A 163 11.67 14.72 18.94
CA LEU A 163 12.00 15.91 19.72
C LEU A 163 11.56 15.75 21.16
N ILE A 164 10.36 15.21 21.38
CA ILE A 164 9.87 14.96 22.72
C ILE A 164 10.78 13.98 23.45
N TRP A 165 11.12 12.88 22.77
CA TRP A 165 11.99 11.87 23.38
C TRP A 165 13.33 12.44 23.80
N VAL A 166 13.96 13.26 22.96
CA VAL A 166 15.27 13.81 23.31
C VAL A 166 15.16 14.92 24.34
N VAL A 167 14.12 15.76 24.26
CA VAL A 167 13.98 16.86 25.21
C VAL A 167 13.71 16.33 26.61
N SER A 168 12.99 15.22 26.73
CA SER A 168 12.74 14.65 28.05
C SER A 168 14.05 14.36 28.78
N VAL A 169 14.96 13.62 28.15
CA VAL A 169 16.23 13.32 28.80
C VAL A 169 17.09 14.57 28.91
N VAL A 170 17.02 15.47 27.91
CA VAL A 170 17.78 16.71 27.95
C VAL A 170 17.43 17.52 29.20
N LEU A 171 16.18 17.45 29.63
CA LEU A 171 15.76 18.17 30.82
C LEU A 171 15.87 17.33 32.10
N ALA A 172 15.88 16.00 31.98
CA ALA A 172 15.95 15.14 33.16
C ALA A 172 17.36 14.72 33.55
N VAL A 173 18.37 15.05 32.75
CA VAL A 173 19.74 14.64 33.02
C VAL A 173 20.28 15.09 34.38
N PRO A 174 20.02 16.32 34.87
CA PRO A 174 20.72 16.75 36.10
C PRO A 174 20.50 15.84 37.29
N GLU A 175 19.34 15.20 37.39
CA GLU A 175 19.09 14.26 38.47
C GLU A 175 19.92 12.99 38.34
N ALA A 176 20.29 12.63 37.10
CA ALA A 176 21.17 11.49 36.91
C ALA A 176 22.55 11.73 37.52
N ILE A 177 22.90 12.99 37.79
CA ILE A 177 24.13 13.33 38.49
C ILE A 177 23.85 14.05 39.81
N GLY A 178 22.59 14.10 40.23
CA GLY A 178 22.24 14.78 41.46
C GLY A 178 22.21 13.88 42.67
N PHE A 179 21.48 12.77 42.57
CA PHE A 179 21.32 11.89 43.72
C PHE A 179 22.58 11.09 43.99
N ASP A 180 22.74 10.69 45.25
CA ASP A 180 23.90 9.90 45.66
C ASP A 180 23.65 9.26 47.03
N ILE A 181 24.21 8.07 47.24
CA ILE A 181 24.05 7.41 48.53
C ILE A 181 25.05 7.98 49.53
N ILE A 182 24.55 8.37 50.69
CA ILE A 182 25.41 8.75 51.81
C ILE A 182 24.79 8.19 53.07
N THR A 183 25.63 7.65 53.96
CA THR A 183 25.18 6.92 55.14
C THR A 183 25.53 7.74 56.37
N MET A 184 24.51 8.28 57.03
CA MET A 184 24.73 9.01 58.27
C MET A 184 24.38 8.14 59.46
N ASP A 185 25.09 8.37 60.56
CA ASP A 185 24.82 7.74 61.84
C ASP A 185 23.71 8.54 62.50
N TYR A 186 22.47 8.24 62.15
CA TYR A 186 21.33 8.87 62.79
C TYR A 186 21.32 8.54 64.28
N LYS A 187 20.58 9.36 65.04
CA LYS A 187 20.50 9.16 66.48
C LYS A 187 19.66 7.93 66.78
N GLY A 188 20.19 6.75 66.45
CA GLY A 188 19.48 5.51 66.66
C GLY A 188 19.61 4.53 65.51
N SER A 189 20.11 5.00 64.37
CA SER A 189 20.24 4.15 63.19
C SER A 189 21.33 4.69 62.28
N TYR A 190 21.63 3.92 61.24
CA TYR A 190 22.58 4.30 60.20
C TYR A 190 21.81 4.47 58.90
N LEU A 191 21.98 5.62 58.26
CA LEU A 191 21.15 5.97 57.12
C LEU A 191 21.70 5.35 55.83
N ARG A 192 20.85 5.39 54.80
CA ARG A 192 21.20 4.94 53.46
C ARG A 192 20.64 5.91 52.43
N ILE A 193 20.80 7.21 52.68
CA ILE A 193 20.03 8.21 51.97
C ILE A 193 20.52 8.37 50.55
N CYS A 194 19.62 8.14 49.59
CA CYS A 194 19.89 8.45 48.19
C CYS A 194 19.23 9.78 47.84
N LEU A 195 19.91 10.85 48.26
CA LEU A 195 19.36 12.20 48.19
C LEU A 195 20.07 13.02 47.12
N LEU A 196 19.43 14.14 46.77
CA LEU A 196 20.12 15.23 46.10
C LEU A 196 21.09 15.87 47.09
N HIS A 197 22.37 15.60 46.92
CA HIS A 197 23.36 16.00 47.92
C HIS A 197 23.34 17.51 48.12
N PRO A 198 23.27 18.00 49.36
CA PRO A 198 23.42 19.44 49.57
C PRO A 198 24.74 19.98 49.06
N VAL A 199 25.78 19.15 49.02
CA VAL A 199 27.10 19.54 48.57
C VAL A 199 27.46 18.74 47.33
N GLN A 200 27.81 19.44 46.26
CA GLN A 200 28.29 18.81 45.03
C GLN A 200 29.31 19.75 44.40
N LYS A 201 30.09 19.21 43.45
CA LYS A 201 31.17 19.97 42.83
C LYS A 201 30.65 21.02 41.86
N THR A 202 29.79 20.61 40.92
CA THR A 202 29.33 21.52 39.89
C THR A 202 28.43 22.60 40.48
N ALA A 203 28.81 23.86 40.24
CA ALA A 203 28.00 24.98 40.73
C ALA A 203 26.67 25.06 40.01
N PHE A 204 26.64 24.69 38.72
CA PHE A 204 25.36 24.62 38.02
C PHE A 204 24.43 23.63 38.69
N MET A 205 24.96 22.54 39.24
CA MET A 205 24.13 21.60 39.97
C MET A 205 23.55 22.23 41.23
N GLN A 206 24.34 23.02 41.95
CA GLN A 206 23.82 23.69 43.13
C GLN A 206 22.74 24.68 42.76
N PHE A 207 22.95 25.46 41.69
CA PHE A 207 21.93 26.39 41.22
C PHE A 207 20.67 25.65 40.78
N TYR A 208 20.84 24.47 40.18
CA TYR A 208 19.71 23.65 39.77
C TYR A 208 18.91 23.18 40.98
N LYS A 209 19.60 22.63 41.98
CA LYS A 209 18.93 22.04 43.13
C LYS A 209 18.42 23.06 44.12
N THR A 210 18.88 24.31 44.05
CA THR A 210 18.42 25.32 44.99
C THR A 210 16.92 25.55 44.87
N ALA A 211 16.41 25.62 43.64
CA ALA A 211 14.99 25.81 43.40
C ALA A 211 14.51 24.87 42.31
N LYS A 212 14.94 23.61 42.37
CA LYS A 212 14.57 22.65 41.34
C LYS A 212 13.06 22.42 41.30
N ASP A 213 12.41 22.43 42.46
CA ASP A 213 10.97 22.20 42.49
C ASP A 213 10.22 23.25 41.67
N TRP A 214 10.75 24.47 41.60
CA TRP A 214 10.11 25.50 40.79
C TRP A 214 10.10 25.12 39.32
N TRP A 215 11.25 24.70 38.78
CA TRP A 215 11.30 24.28 37.39
C TRP A 215 10.46 23.03 37.17
N LEU A 216 10.48 22.10 38.12
CA LEU A 216 9.66 20.91 38.01
C LEU A 216 8.19 21.27 37.88
N PHE A 217 7.69 22.08 38.81
CA PHE A 217 6.29 22.50 38.76
C PHE A 217 5.98 23.20 37.45
N SER A 218 6.77 24.22 37.11
CA SER A 218 6.51 25.00 35.90
C SER A 218 6.44 24.09 34.68
N PHE A 219 7.56 23.44 34.33
CA PHE A 219 7.65 22.72 33.08
C PHE A 219 6.70 21.52 33.03
N TYR A 220 6.51 20.83 34.17
CA TYR A 220 5.75 19.60 34.10
C TYR A 220 4.26 19.81 34.31
N PHE A 221 3.84 20.93 34.90
CA PHE A 221 2.42 21.15 35.10
C PHE A 221 1.92 22.36 34.32
N CYS A 222 2.50 23.53 34.55
CA CYS A 222 1.91 24.76 34.05
C CYS A 222 2.01 24.84 32.53
N LEU A 223 3.19 24.58 31.99
CA LEU A 223 3.37 24.63 30.53
C LEU A 223 2.49 23.61 29.81
N PRO A 224 2.48 22.33 30.16
CA PRO A 224 1.58 21.39 29.46
C PRO A 224 0.12 21.71 29.67
N LEU A 225 -0.30 22.02 30.89
CA LEU A 225 -1.68 22.37 31.13
C LEU A 225 -2.07 23.61 30.35
N ALA A 226 -1.20 24.64 30.34
CA ALA A 226 -1.50 25.84 29.59
C ALA A 226 -1.64 25.56 28.11
N ILE A 227 -0.69 24.84 27.51
CA ILE A 227 -0.75 24.58 26.08
C ILE A 227 -1.94 23.71 25.74
N THR A 228 -2.18 22.66 26.54
CA THR A 228 -3.30 21.77 26.26
C THR A 228 -4.63 22.49 26.35
N ALA A 229 -4.85 23.27 27.42
CA ALA A 229 -6.09 24.03 27.55
C ALA A 229 -6.22 25.05 26.43
N PHE A 230 -5.12 25.72 26.09
CA PHE A 230 -5.13 26.69 25.00
C PHE A 230 -5.60 26.06 23.71
N PHE A 231 -4.99 24.93 23.32
CA PHE A 231 -5.31 24.34 22.03
C PHE A 231 -6.70 23.69 22.04
N TYR A 232 -7.10 23.10 23.17
CA TYR A 232 -8.45 22.53 23.23
C TYR A 232 -9.51 23.62 23.20
N THR A 233 -9.27 24.75 23.86
CA THR A 233 -10.21 25.87 23.78
C THR A 233 -10.30 26.40 22.35
N LEU A 234 -9.16 26.49 21.67
CA LEU A 234 -9.19 26.90 20.27
C LEU A 234 -9.98 25.90 19.43
N MET A 235 -9.79 24.61 19.69
CA MET A 235 -10.52 23.59 18.94
C MET A 235 -12.02 23.70 19.19
N THR A 236 -12.42 23.94 20.45
CA THR A 236 -13.83 24.12 20.75
C THR A 236 -14.40 25.35 20.05
N CYS A 237 -13.65 26.45 20.04
CA CYS A 237 -14.10 27.65 19.35
C CYS A 237 -14.30 27.39 17.87
N GLU A 238 -13.35 26.69 17.23
CA GLU A 238 -13.49 26.37 15.82
C GLU A 238 -14.60 25.34 15.59
N MET A 239 -14.92 24.56 16.62
CA MET A 239 -15.94 23.52 16.49
C MET A 239 -17.33 24.14 16.34
N LEU A 240 -17.66 25.11 17.19
CA LEU A 240 -18.97 25.73 17.17
C LEU A 240 -19.08 26.75 16.05
N ASN A 251 -28.30 19.89 13.75
CA ASN A 251 -29.04 18.88 14.50
C ASN A 251 -28.15 18.19 15.53
N ASP A 252 -27.90 16.89 15.30
CA ASP A 252 -27.00 16.14 16.17
C ASP A 252 -25.58 16.66 16.10
N HIS A 253 -25.25 17.44 15.07
CA HIS A 253 -23.90 17.97 14.92
C HIS A 253 -23.48 18.78 16.12
N LEU A 254 -24.29 19.76 16.52
CA LEU A 254 -23.94 20.61 17.65
C LEU A 254 -23.96 19.84 18.96
N LYS A 255 -24.86 18.86 19.10
CA LYS A 255 -24.86 18.04 20.30
C LYS A 255 -23.54 17.28 20.44
N GLN A 256 -23.05 16.70 19.33
CA GLN A 256 -21.75 16.05 19.36
C GLN A 256 -20.62 17.04 19.59
N ARG A 257 -20.71 18.25 19.04
CA ARG A 257 -19.70 19.26 19.33
C ARG A 257 -19.62 19.53 20.82
N ARG A 258 -20.76 19.74 21.47
CA ARG A 258 -20.78 19.94 22.90
C ARG A 258 -20.26 18.73 23.67
N GLU A 259 -20.63 17.53 23.24
CA GLU A 259 -20.17 16.33 23.94
C GLU A 259 -18.65 16.21 23.88
N VAL A 260 -18.06 16.43 22.70
CA VAL A 260 -16.61 16.33 22.57
C VAL A 260 -15.91 17.46 23.33
N ALA A 261 -16.49 18.67 23.30
CA ALA A 261 -15.92 19.77 24.06
C ALA A 261 -15.91 19.45 25.55
N LYS A 262 -17.00 18.86 26.05
CA LYS A 262 -17.04 18.41 27.43
C LYS A 262 -16.00 17.33 27.69
N THR A 263 -15.83 16.40 26.75
CA THR A 263 -14.90 15.30 26.94
C THR A 263 -13.46 15.80 27.10
N VAL A 264 -13.01 16.64 26.16
CA VAL A 264 -11.61 17.07 26.19
C VAL A 264 -11.33 17.91 27.42
N PHE A 265 -12.26 18.81 27.77
CA PHE A 265 -12.06 19.67 28.93
C PHE A 265 -12.12 18.87 30.22
N CYS A 266 -12.97 17.85 30.30
CA CYS A 266 -12.99 16.99 31.47
C CYS A 266 -11.68 16.22 31.59
N LEU A 267 -11.14 15.75 30.47
CA LEU A 267 -9.84 15.09 30.49
C LEU A 267 -8.76 16.02 31.04
N VAL A 268 -8.76 17.27 30.55
CA VAL A 268 -7.78 18.24 31.01
C VAL A 268 -7.95 18.49 32.51
N LEU A 269 -9.19 18.64 32.96
CA LEU A 269 -9.43 18.92 34.38
C LEU A 269 -8.98 17.75 35.24
N VAL A 270 -9.23 16.51 34.79
CA VAL A 270 -8.78 15.34 35.53
C VAL A 270 -7.26 15.32 35.62
N PHE A 271 -6.60 15.61 34.50
CA PHE A 271 -5.14 15.66 34.50
C PHE A 271 -4.63 16.70 35.50
N ALA A 272 -5.24 17.89 35.50
CA ALA A 272 -4.81 18.94 36.41
C ALA A 272 -5.02 18.54 37.86
N LEU A 273 -6.18 17.97 38.16
CA LEU A 273 -6.45 17.55 39.53
C LEU A 273 -5.46 16.49 39.98
N CYS A 274 -5.14 15.54 39.10
CA CYS A 274 -4.27 14.44 39.50
C CYS A 274 -2.80 14.87 39.55
N TRP A 275 -2.43 15.96 38.88
CA TRP A 275 -1.03 16.35 38.90
C TRP A 275 -0.75 17.60 39.73
N LEU A 276 -1.76 18.20 40.35
CA LEU A 276 -1.51 19.22 41.36
C LEU A 276 -0.75 18.68 42.58
N PRO A 277 -1.15 17.55 43.20
CA PRO A 277 -0.65 17.25 44.55
C PRO A 277 0.87 17.11 44.66
N LEU A 278 1.54 16.48 43.70
CA LEU A 278 2.97 16.23 43.85
C LEU A 278 3.75 17.54 43.85
N HIS A 279 3.47 18.40 42.88
CA HIS A 279 4.13 19.70 42.82
C HIS A 279 3.77 20.54 44.04
N LEU A 280 2.51 20.50 44.46
CA LEU A 280 2.11 21.27 45.64
C LEU A 280 2.86 20.80 46.87
N SER A 281 3.02 19.49 47.04
CA SER A 281 3.75 18.96 48.19
C SER A 281 5.21 19.37 48.15
N ARG A 282 5.83 19.28 46.97
CA ARG A 282 7.22 19.69 46.84
C ARG A 282 7.38 21.17 47.19
N ILE A 283 6.48 22.01 46.71
CA ILE A 283 6.56 23.44 47.00
C ILE A 283 6.37 23.70 48.48
N LEU A 284 5.38 23.04 49.10
CA LEU A 284 5.11 23.27 50.52
C LEU A 284 6.30 22.86 51.37
N LYS A 285 6.90 21.70 51.08
CA LYS A 285 8.09 21.30 51.82
C LYS A 285 9.29 22.15 51.46
N LEU A 286 9.27 22.85 50.33
CA LEU A 286 10.37 23.72 49.97
C LEU A 286 10.31 25.05 50.72
N THR A 287 9.24 25.83 50.51
CA THR A 287 9.19 27.20 50.98
C THR A 287 8.50 27.37 52.32
N LEU A 288 7.47 26.58 52.61
CA LEU A 288 6.79 26.72 53.90
C LEU A 288 7.56 26.06 55.04
N TYR A 289 8.58 25.26 54.74
CA TYR A 289 9.41 24.64 55.76
C TYR A 289 10.28 25.71 56.41
N ASN A 290 10.30 25.72 57.73
CA ASN A 290 11.11 26.67 58.49
C ASN A 290 12.24 25.95 59.20
N GLN A 291 13.19 26.73 59.73
CA GLN A 291 14.38 26.19 60.36
C GLN A 291 14.28 26.06 61.86
N ASN A 292 13.36 26.78 62.50
CA ASN A 292 13.22 26.75 63.95
C ASN A 292 11.76 26.58 64.35
N ASP A 293 11.07 25.64 63.71
CA ASP A 293 9.66 25.41 63.99
C ASP A 293 9.52 24.19 64.88
N PRO A 294 9.03 24.34 66.12
CA PRO A 294 8.81 23.16 66.97
C PRO A 294 7.78 22.20 66.41
N ASN A 295 6.79 22.70 65.67
CA ASN A 295 5.72 21.87 65.13
C ASN A 295 6.07 21.26 63.77
N ARG A 296 7.14 21.72 63.12
CA ARG A 296 7.41 21.33 61.74
C ARG A 296 7.44 19.83 61.58
N CYS A 297 7.93 19.10 62.59
CA CYS A 297 7.94 17.64 62.54
C CYS A 297 6.58 17.10 62.12
N GLU A 298 5.53 17.43 62.87
CA GLU A 298 4.18 17.04 62.47
C GLU A 298 3.89 17.48 61.04
N LEU A 299 4.16 18.76 60.75
CA LEU A 299 4.05 19.28 59.39
C LEU A 299 4.68 18.31 58.39
N LEU A 300 5.97 17.99 58.61
CA LEU A 300 6.67 17.15 57.65
C LEU A 300 5.96 15.82 57.47
N SER A 301 5.49 15.22 58.58
CA SER A 301 4.79 13.95 58.48
C SER A 301 3.62 14.06 57.51
N PHE A 302 2.80 15.11 57.67
CA PHE A 302 1.69 15.30 56.75
C PHE A 302 2.18 15.33 55.31
N LEU A 303 3.22 16.12 55.03
CA LEU A 303 3.77 16.17 53.69
C LEU A 303 4.08 14.77 53.18
N LEU A 304 4.74 13.96 54.01
CA LEU A 304 5.05 12.58 53.64
C LEU A 304 3.82 11.90 53.08
N VAL A 305 2.75 11.84 53.87
CA VAL A 305 1.54 11.16 53.43
C VAL A 305 1.05 11.79 52.14
N LEU A 306 0.99 13.12 52.11
CA LEU A 306 0.55 13.81 50.90
C LEU A 306 1.37 13.35 49.71
N ASP A 307 2.69 13.34 49.86
CA ASP A 307 3.56 12.92 48.77
C ASP A 307 3.12 11.56 48.23
N TYR A 308 2.95 10.59 49.12
CA TYR A 308 2.53 9.27 48.68
C TYR A 308 1.25 9.36 47.86
N ILE A 309 0.23 10.02 48.42
CA ILE A 309 -1.04 10.12 47.71
C ILE A 309 -0.80 10.71 46.34
N GLY A 310 0.02 11.77 46.28
CA GLY A 310 0.28 12.42 45.01
C GLY A 310 0.78 11.44 43.97
N ILE A 311 1.82 10.67 44.30
CA ILE A 311 2.38 9.79 43.29
C ILE A 311 1.35 8.75 42.89
N ASN A 312 0.57 8.27 43.87
CA ASN A 312 -0.52 7.36 43.55
C ASN A 312 -1.47 8.02 42.57
N MET A 313 -1.93 9.23 42.92
CA MET A 313 -2.79 9.97 42.01
C MET A 313 -2.08 10.21 40.69
N ALA A 314 -0.76 10.44 40.73
CA ALA A 314 -0.01 10.58 39.50
C ALA A 314 -0.20 9.35 38.62
N SER A 315 0.05 8.16 39.17
CA SER A 315 -0.16 6.95 38.41
C SER A 315 -1.63 6.81 38.01
N LEU A 316 -2.53 7.32 38.85
CA LEU A 316 -3.94 7.31 38.50
C LEU A 316 -4.18 8.10 37.22
N ASN A 317 -3.60 9.30 37.12
CA ASN A 317 -3.68 10.03 35.86
C ASN A 317 -3.04 9.22 34.75
N SER A 318 -1.95 8.52 35.07
CA SER A 318 -1.31 7.65 34.10
C SER A 318 -2.31 6.64 33.53
N CYS A 319 -3.17 6.09 34.39
CA CYS A 319 -4.14 5.12 33.92
C CYS A 319 -5.41 5.78 33.39
N ILE A 320 -5.57 7.08 33.58
CA ILE A 320 -6.85 7.72 33.24
C ILE A 320 -7.04 7.77 31.73
N ASN A 321 -6.00 8.16 30.99
CA ASN A 321 -6.17 8.40 29.56
C ASN A 321 -6.68 7.18 28.80
N PRO A 322 -6.18 5.96 29.00
CA PRO A 322 -6.76 4.82 28.28
C PRO A 322 -8.25 4.66 28.50
N ILE A 323 -8.72 4.82 29.74
CA ILE A 323 -10.15 4.67 30.02
C ILE A 323 -10.94 5.72 29.27
N ALA A 324 -10.42 6.94 29.19
CA ALA A 324 -11.09 7.98 28.41
C ALA A 324 -11.28 7.53 26.96
N LEU A 325 -10.30 6.79 26.43
CA LEU A 325 -10.47 6.26 25.08
C LEU A 325 -11.63 5.27 25.00
N TYR A 326 -11.78 4.43 26.02
CA TYR A 326 -12.86 3.45 26.02
C TYR A 326 -14.22 4.12 26.16
N LEU A 327 -14.33 5.11 27.05
CA LEU A 327 -15.61 5.72 27.38
C LEU A 327 -16.01 6.83 26.43
N VAL A 328 -15.36 6.94 25.27
CA VAL A 328 -15.71 7.99 24.31
C VAL A 328 -16.02 7.39 22.94
N SER A 329 -15.08 6.61 22.40
CA SER A 329 -15.16 6.13 21.03
C SER A 329 -15.64 4.68 21.01
N LYS A 330 -16.58 4.39 20.12
CA LYS A 330 -17.03 3.02 19.92
C LYS A 330 -15.93 2.13 19.35
N ARG A 331 -14.97 2.71 18.62
CA ARG A 331 -13.90 1.93 18.01
C ARG A 331 -13.08 1.22 19.09
N PHE A 332 -12.44 2.00 19.97
CA PHE A 332 -11.67 1.39 21.04
C PHE A 332 -12.57 0.66 22.04
N LYS A 333 -13.84 1.04 22.12
CA LYS A 333 -14.77 0.32 22.98
C LYS A 333 -14.92 -1.14 22.53
N ASN A 334 -15.23 -1.33 21.24
CA ASN A 334 -15.32 -2.69 20.72
C ASN A 334 -13.95 -3.36 20.63
N ALA A 335 -12.87 -2.59 20.52
CA ALA A 335 -11.55 -3.19 20.62
C ALA A 335 -11.30 -3.80 21.99
N PHE A 336 -11.69 -3.09 23.05
CA PHE A 336 -11.61 -3.66 24.39
C PHE A 336 -12.58 -4.81 24.56
N LYS A 337 -13.71 -4.78 23.84
CA LYS A 337 -14.67 -5.86 23.90
C LYS A 337 -14.11 -7.19 23.41
N SER A 338 -12.89 -7.20 22.88
CA SER A 338 -12.24 -8.43 22.43
C SER A 338 -11.99 -9.37 23.60
N CYS B 1 13.63 14.46 46.81
CA CYS B 1 14.17 14.71 48.14
C CYS B 1 15.50 15.46 48.06
N SER B 2 15.73 16.33 49.05
CA SER B 2 16.96 17.11 49.12
C SER B 2 17.05 17.83 50.46
N CYS B 3 18.25 18.19 50.87
CA CYS B 3 18.46 18.93 52.10
C CYS B 3 19.43 20.08 51.89
N SER B 4 19.52 20.94 52.89
CA SER B 4 20.41 22.11 52.83
C SER B 4 21.77 21.82 53.44
N SER B 5 21.82 20.98 54.47
CA SER B 5 23.04 20.72 55.21
C SER B 5 23.26 19.23 55.38
N LEU B 6 24.41 18.89 55.95
CA LEU B 6 24.71 17.53 56.39
C LEU B 6 24.68 17.40 57.91
N MET B 7 23.89 18.25 58.57
CA MET B 7 23.85 18.28 60.03
C MET B 7 22.40 18.19 60.52
N ASP B 8 21.45 18.33 59.60
CA ASP B 8 20.04 18.30 59.92
C ASP B 8 19.55 16.86 60.00
N LYS B 9 19.35 16.37 61.23
CA LYS B 9 18.86 15.01 61.49
C LYS B 9 17.42 14.82 61.10
N GLU B 10 16.71 15.91 60.81
CA GLU B 10 15.30 15.85 60.48
C GLU B 10 15.07 15.78 58.97
N CYS B 11 15.73 16.67 58.21
CA CYS B 11 15.59 16.64 56.76
C CYS B 11 16.12 15.34 56.18
N VAL B 12 17.19 14.80 56.76
CA VAL B 12 17.65 13.49 56.32
C VAL B 12 16.63 12.43 56.68
N TYR B 13 15.97 12.57 57.83
CA TYR B 13 14.89 11.67 58.18
C TYR B 13 13.75 11.77 57.17
N PHE B 14 13.40 12.99 56.79
CA PHE B 14 12.35 13.19 55.79
C PHE B 14 12.74 12.55 54.46
N CYS B 15 13.99 12.72 54.04
CA CYS B 15 14.45 12.12 52.80
C CYS B 15 14.39 10.60 52.88
N HIS B 16 14.79 10.03 54.01
CA HIS B 16 14.63 8.59 54.21
C HIS B 16 13.16 8.19 54.12
N LEU B 17 12.27 9.09 54.55
CA LEU B 17 10.84 8.87 54.41
C LEU B 17 10.28 9.44 53.12
N ASP B 18 11.09 10.17 52.35
CA ASP B 18 10.63 10.72 51.08
C ASP B 18 10.56 9.61 50.05
N ILE B 19 9.84 9.87 48.97
CA ILE B 19 9.80 8.97 47.82
C ILE B 19 10.96 9.29 46.91
N ILE B 20 11.22 8.38 45.96
CA ILE B 20 12.27 8.61 44.99
C ILE B 20 11.76 9.65 44.00
N TRP B 21 12.10 10.91 44.26
CA TRP B 21 11.62 12.03 43.47
C TRP B 21 12.19 13.32 44.03
N THR C 4 27.88 -6.56 -2.47
CA THR C 4 26.85 -5.53 -2.28
C THR C 4 26.04 -5.36 -3.57
N LEU C 5 25.95 -4.12 -4.05
CA LEU C 5 25.21 -3.80 -5.25
C LEU C 5 26.13 -3.13 -6.26
N SER C 6 25.89 -3.37 -7.54
CA SER C 6 26.69 -2.76 -8.59
C SER C 6 26.17 -1.34 -8.86
N ALA C 7 26.88 -0.62 -9.73
CA ALA C 7 26.49 0.75 -10.06
C ALA C 7 25.13 0.79 -10.72
N GLU C 8 24.87 -0.14 -11.63
CA GLU C 8 23.56 -0.21 -12.26
C GLU C 8 22.47 -0.53 -11.26
N ASP C 9 22.77 -1.40 -10.29
CA ASP C 9 21.81 -1.68 -9.23
C ASP C 9 21.51 -0.43 -8.42
N LYS C 10 22.54 0.36 -8.12
CA LYS C 10 22.34 1.61 -7.40
C LYS C 10 21.49 2.58 -8.20
N ALA C 11 21.73 2.66 -9.51
CA ALA C 11 20.91 3.51 -10.36
C ALA C 11 19.46 3.06 -10.36
N ALA C 12 19.23 1.75 -10.44
CA ALA C 12 17.88 1.23 -10.40
C ALA C 12 17.20 1.54 -9.07
N VAL C 13 17.94 1.42 -7.97
CA VAL C 13 17.38 1.73 -6.66
C VAL C 13 17.01 3.20 -6.57
N GLU C 14 17.88 4.08 -7.07
CA GLU C 14 17.58 5.51 -7.06
C GLU C 14 16.36 5.82 -7.91
N ARG C 15 16.26 5.19 -9.08
CA ARG C 15 15.08 5.38 -9.93
C ARG C 15 13.82 4.90 -9.23
N SER C 16 13.90 3.75 -8.55
CA SER C 16 12.75 3.26 -7.80
C SER C 16 12.35 4.23 -6.70
N LYS C 17 13.33 4.79 -5.99
CA LYS C 17 13.01 5.75 -4.94
C LYS C 17 12.38 7.01 -5.51
N MET C 18 12.87 7.47 -6.67
CA MET C 18 12.27 8.63 -7.31
C MET C 18 10.82 8.35 -7.70
N ILE C 19 10.57 7.16 -8.26
CA ILE C 19 9.20 6.79 -8.63
C ILE C 19 8.33 6.68 -7.39
N ASP C 20 8.90 6.22 -6.27
CA ASP C 20 8.15 6.14 -5.03
C ASP C 20 7.79 7.52 -4.51
N ARG C 21 8.72 8.47 -4.63
CA ARG C 21 8.41 9.86 -4.27
C ARG C 21 7.28 10.38 -5.15
N ASN C 22 7.34 10.07 -6.45
CA ASN C 22 6.27 10.48 -7.35
C ASN C 22 4.93 9.86 -6.95
N LEU C 23 4.94 8.59 -6.59
CA LEU C 23 3.71 7.92 -6.16
C LEU C 23 3.15 8.54 -4.89
N ARG C 24 4.03 8.85 -3.93
CA ARG C 24 3.58 9.48 -2.70
C ARG C 24 3.01 10.86 -2.97
N GLU C 25 3.64 11.63 -3.86
CA GLU C 25 3.12 12.95 -4.19
C GLU C 25 1.75 12.85 -4.87
N ASP C 26 1.61 11.88 -5.78
CA ASP C 26 0.31 11.67 -6.43
C ASP C 26 -0.76 11.24 -5.44
N GLY C 27 -0.41 10.35 -4.51
CA GLY C 27 -1.37 9.93 -3.49
C GLY C 27 -1.73 11.07 -2.55
N GLU C 28 -0.77 11.95 -2.26
CA GLU C 28 -1.09 13.16 -1.50
C GLU C 28 -2.06 14.04 -2.27
N LYS C 29 -1.82 14.24 -3.56
CA LYS C 29 -2.71 15.09 -4.35
C LYS C 29 -4.12 14.50 -4.41
N ALA C 30 -4.22 13.18 -4.61
CA ALA C 30 -5.53 12.55 -4.70
C ALA C 30 -6.18 12.39 -3.32
N ALA C 31 -5.39 12.45 -2.25
CA ALA C 31 -5.94 12.31 -0.91
C ALA C 31 -6.69 13.56 -0.48
N ARG C 32 -6.21 14.74 -0.88
CA ARG C 32 -6.92 15.99 -0.64
C ARG C 32 -8.00 16.18 -1.71
N GLU C 33 -8.86 15.17 -1.80
CA GLU C 33 -9.90 15.13 -2.83
C GLU C 33 -11.03 14.25 -2.31
N VAL C 34 -12.25 14.65 -2.61
CA VAL C 34 -13.45 14.01 -2.08
C VAL C 34 -14.10 13.20 -3.19
N LYS C 35 -14.43 11.96 -2.88
CA LYS C 35 -15.07 11.05 -3.84
C LYS C 35 -16.55 10.94 -3.49
N LEU C 36 -17.40 11.09 -4.51
CA LEU C 36 -18.84 10.99 -4.34
C LEU C 36 -19.38 9.94 -5.31
N LEU C 37 -20.20 9.03 -4.81
CA LEU C 37 -20.81 8.00 -5.65
C LEU C 37 -22.23 8.43 -5.97
N LEU C 38 -22.44 8.99 -7.16
CA LEU C 38 -23.77 9.37 -7.59
C LEU C 38 -24.43 8.20 -8.31
N LEU C 39 -25.67 7.91 -7.93
CA LEU C 39 -26.43 6.85 -8.57
C LEU C 39 -27.92 7.12 -8.34
N GLY C 40 -28.77 6.38 -9.03
CA GLY C 40 -30.20 6.58 -8.94
C GLY C 40 -30.96 5.88 -10.05
N ALA C 41 -32.28 5.86 -9.94
CA ALA C 41 -33.11 5.14 -10.89
C ALA C 41 -33.16 5.86 -12.24
N GLY C 42 -33.93 5.30 -13.16
CA GLY C 42 -34.07 5.91 -14.47
C GLY C 42 -34.66 7.31 -14.35
N GLU C 43 -34.10 8.23 -15.14
CA GLU C 43 -34.47 9.65 -15.19
C GLU C 43 -34.78 10.20 -13.81
N SER C 44 -33.91 9.94 -12.84
CA SER C 44 -34.10 10.38 -11.46
C SER C 44 -33.40 11.71 -11.19
N GLY C 45 -33.29 12.56 -12.21
CA GLY C 45 -32.73 13.89 -12.04
C GLY C 45 -31.22 13.97 -12.15
N LYS C 46 -30.54 12.83 -12.29
CA LYS C 46 -29.08 12.84 -12.35
C LYS C 46 -28.57 13.69 -13.50
N SER C 47 -29.34 13.76 -14.59
CA SER C 47 -28.97 14.62 -15.71
C SER C 47 -28.91 16.08 -15.30
N THR C 48 -29.86 16.55 -14.50
CA THR C 48 -29.81 17.92 -14.01
C THR C 48 -28.79 18.08 -12.90
N ILE C 49 -28.54 17.03 -12.11
CA ILE C 49 -27.54 17.11 -11.07
C ILE C 49 -26.16 17.35 -11.67
N VAL C 50 -25.82 16.60 -12.73
CA VAL C 50 -24.53 16.83 -13.39
C VAL C 50 -24.56 18.14 -14.16
N LYS C 51 -25.75 18.60 -14.57
CA LYS C 51 -25.86 19.93 -15.16
C LYS C 51 -25.46 21.02 -14.17
N GLN C 52 -25.86 20.91 -12.91
CA GLN C 52 -25.52 21.90 -11.90
C GLN C 52 -24.07 21.83 -11.47
N MET C 53 -23.47 20.64 -11.45
CA MET C 53 -22.19 20.41 -10.79
C MET C 53 -21.04 20.23 -11.77
N LYS C 54 -21.05 20.98 -12.88
CA LYS C 54 -19.93 20.95 -13.82
C LYS C 54 -19.27 22.30 -14.00
N ILE C 55 -20.04 23.35 -14.21
CA ILE C 55 -19.48 24.68 -14.40
C ILE C 55 -19.02 25.26 -13.07
N THR C 182 -18.13 4.33 -20.91
CA THR C 182 -19.58 4.21 -21.06
C THR C 182 -20.23 3.79 -19.75
N GLY C 183 -19.46 3.14 -18.89
CA GLY C 183 -19.99 2.66 -17.63
C GLY C 183 -19.81 3.64 -16.49
N ILE C 184 -18.60 4.17 -16.34
CA ILE C 184 -18.27 5.14 -15.31
C ILE C 184 -18.29 6.53 -15.94
N VAL C 185 -19.26 7.34 -15.56
CA VAL C 185 -19.34 8.73 -16.02
C VAL C 185 -18.76 9.57 -14.89
N GLU C 186 -17.47 9.88 -14.99
CA GLU C 186 -16.80 10.64 -13.94
C GLU C 186 -17.04 12.13 -14.16
N THR C 187 -17.84 12.73 -13.29
CA THR C 187 -18.04 14.17 -13.27
C THR C 187 -16.92 14.80 -12.47
N HIS C 188 -16.20 15.72 -13.11
CA HIS C 188 -15.05 16.37 -12.52
C HIS C 188 -15.32 17.87 -12.41
N PHE C 189 -15.20 18.41 -11.21
CA PHE C 189 -15.46 19.82 -10.96
C PHE C 189 -14.86 20.17 -9.60
N THR C 190 -15.07 21.40 -9.19
CA THR C 190 -14.56 21.86 -7.90
C THR C 190 -15.49 22.90 -7.29
N PHE C 191 -15.02 23.45 -6.19
CA PHE C 191 -15.73 24.45 -5.41
C PHE C 191 -14.67 25.46 -4.98
N LYS C 192 -14.97 26.25 -3.95
CA LYS C 192 -13.95 27.06 -3.28
C LYS C 192 -12.69 26.23 -3.03
N ASP C 193 -12.85 24.92 -2.87
CA ASP C 193 -11.71 24.01 -2.77
C ASP C 193 -12.22 22.58 -2.95
N LEU C 194 -11.33 21.63 -2.70
CA LEU C 194 -11.54 20.19 -2.51
C LEU C 194 -11.77 19.42 -3.81
N HIS C 195 -11.98 20.08 -4.95
CA HIS C 195 -11.98 19.43 -6.28
C HIS C 195 -12.81 18.14 -6.28
N PHE C 196 -14.11 18.31 -6.08
CA PHE C 196 -15.00 17.17 -5.94
C PHE C 196 -15.01 16.30 -7.19
N LYS C 197 -15.14 14.99 -6.98
CA LYS C 197 -15.26 14.03 -8.08
C LYS C 197 -16.47 13.14 -7.83
N MET C 198 -17.25 12.90 -8.89
CA MET C 198 -18.44 12.07 -8.81
C MET C 198 -18.34 10.97 -9.87
N PHE C 199 -18.94 9.82 -9.59
CA PHE C 199 -18.89 8.67 -10.50
C PHE C 199 -20.32 8.16 -10.73
N ASP C 200 -20.95 8.64 -11.80
CA ASP C 200 -22.23 8.08 -12.22
C ASP C 200 -22.04 6.65 -12.70
N VAL C 201 -22.76 5.71 -12.09
CA VAL C 201 -22.67 4.30 -12.45
C VAL C 201 -24.02 3.72 -12.81
N GLY C 202 -25.13 4.38 -12.47
CA GLY C 202 -26.45 3.84 -12.74
C GLY C 202 -26.96 4.04 -14.15
N GLY C 203 -26.33 4.92 -14.92
CA GLY C 203 -26.78 5.13 -16.29
C GLY C 203 -26.63 3.89 -17.15
N GLN C 204 -25.50 3.20 -17.02
CA GLN C 204 -25.32 1.93 -17.71
C GLN C 204 -26.14 0.84 -17.03
N ARG C 205 -26.54 -0.15 -17.81
CA ARG C 205 -27.37 -1.26 -17.33
C ARG C 205 -26.50 -2.51 -17.26
N SER C 206 -26.20 -2.95 -16.04
CA SER C 206 -25.33 -4.10 -15.81
C SER C 206 -25.80 -4.80 -14.54
N GLU C 207 -24.96 -5.65 -13.98
CA GLU C 207 -25.31 -6.41 -12.79
C GLU C 207 -25.49 -5.47 -11.60
N ARG C 208 -25.85 -6.06 -10.45
CA ARG C 208 -26.22 -5.29 -9.28
C ARG C 208 -25.09 -5.16 -8.26
N LYS C 209 -24.58 -6.28 -7.74
CA LYS C 209 -23.78 -6.26 -6.52
C LYS C 209 -22.51 -7.08 -6.65
N LYS C 210 -21.77 -6.86 -7.74
CA LYS C 210 -20.45 -7.46 -7.90
C LYS C 210 -19.35 -6.43 -8.11
N TRP C 211 -19.66 -5.30 -8.73
CA TRP C 211 -18.72 -4.20 -8.84
C TRP C 211 -18.90 -3.16 -7.74
N ILE C 212 -19.94 -3.28 -6.92
CA ILE C 212 -20.25 -2.25 -5.94
C ILE C 212 -19.19 -2.18 -4.85
N HIS C 213 -18.53 -3.30 -4.54
CA HIS C 213 -17.47 -3.28 -3.54
C HIS C 213 -16.26 -2.47 -3.99
N CYS C 214 -16.14 -2.18 -5.28
CA CYS C 214 -15.04 -1.37 -5.77
C CYS C 214 -15.06 0.03 -5.17
N PHE C 215 -16.25 0.60 -5.00
CA PHE C 215 -16.40 1.95 -4.47
C PHE C 215 -16.25 2.03 -2.97
N GLU C 216 -15.71 0.98 -2.34
CA GLU C 216 -15.43 1.03 -0.92
C GLU C 216 -14.45 2.16 -0.63
N GLY C 217 -14.67 2.84 0.49
CA GLY C 217 -13.84 3.97 0.85
C GLY C 217 -14.24 5.29 0.21
N VAL C 218 -15.38 5.33 -0.47
CA VAL C 218 -15.87 6.59 -1.03
C VAL C 218 -16.29 7.51 0.11
N THR C 219 -16.07 8.82 -0.08
CA THR C 219 -16.34 9.76 1.00
C THR C 219 -17.83 9.84 1.34
N ALA C 220 -18.67 9.97 0.32
CA ALA C 220 -20.10 10.09 0.54
C ALA C 220 -20.84 9.59 -0.69
N ILE C 221 -22.11 9.29 -0.51
CA ILE C 221 -22.97 8.76 -1.57
C ILE C 221 -24.14 9.71 -1.76
N ILE C 222 -24.39 10.08 -3.01
CA ILE C 222 -25.48 10.98 -3.37
C ILE C 222 -26.60 10.14 -3.94
N PHE C 223 -27.78 10.23 -3.34
CA PHE C 223 -28.96 9.51 -3.80
C PHE C 223 -29.95 10.52 -4.37
N CYS C 224 -30.34 10.31 -5.62
CA CYS C 224 -31.24 11.20 -6.34
C CYS C 224 -32.51 10.43 -6.68
N VAL C 225 -33.62 10.80 -6.05
CA VAL C 225 -34.92 10.20 -6.29
C VAL C 225 -35.90 11.30 -6.64
N ALA C 226 -36.64 11.10 -7.74
CA ALA C 226 -37.64 12.07 -8.19
C ALA C 226 -38.96 11.80 -7.49
N LEU C 227 -39.55 12.85 -6.91
CA LEU C 227 -40.80 12.74 -6.20
C LEU C 227 -42.00 12.53 -7.11
N SER C 228 -41.86 12.83 -8.40
CA SER C 228 -42.96 12.67 -9.34
C SER C 228 -43.16 11.22 -9.77
N ASP C 229 -42.29 10.30 -9.33
CA ASP C 229 -42.43 8.89 -9.65
C ASP C 229 -43.19 8.13 -8.57
N TYR C 230 -43.73 8.83 -7.57
CA TYR C 230 -44.49 8.19 -6.51
C TYR C 230 -45.81 7.60 -7.01
N ASP C 231 -46.29 8.03 -8.17
CA ASP C 231 -47.53 7.51 -8.73
C ASP C 231 -47.32 6.60 -9.92
N LEU C 232 -46.31 6.85 -10.74
CA LEU C 232 -46.07 6.04 -11.93
C LEU C 232 -45.52 4.68 -11.55
N VAL C 233 -45.94 3.65 -12.29
CA VAL C 233 -45.51 2.29 -12.02
C VAL C 233 -44.48 1.85 -13.06
N ASN C 241 -45.44 1.99 -8.66
CA ASN C 241 -44.66 1.19 -7.72
C ASN C 241 -43.19 1.58 -7.77
N ARG C 242 -42.88 2.54 -8.65
CA ARG C 242 -41.49 2.96 -8.82
C ARG C 242 -40.90 3.47 -7.51
N MET C 243 -41.72 4.12 -6.68
CA MET C 243 -41.25 4.55 -5.37
C MET C 243 -40.83 3.36 -4.52
N HIS C 244 -41.57 2.26 -4.60
CA HIS C 244 -41.20 1.07 -3.84
C HIS C 244 -39.88 0.50 -4.32
N GLU C 245 -39.66 0.46 -5.63
CA GLU C 245 -38.38 -0.03 -6.15
C GLU C 245 -37.24 0.89 -5.72
N SER C 246 -37.48 2.20 -5.73
CA SER C 246 -36.48 3.16 -5.27
C SER C 246 -36.14 2.93 -3.80
N MET C 247 -37.16 2.70 -2.98
CA MET C 247 -36.91 2.43 -1.57
C MET C 247 -36.13 1.13 -1.39
N LYS C 248 -36.44 0.12 -2.19
CA LYS C 248 -35.69 -1.14 -2.10
C LYS C 248 -34.23 -0.92 -2.46
N LEU C 249 -33.97 -0.14 -3.52
CA LEU C 249 -32.59 0.15 -3.90
C LEU C 249 -31.87 0.94 -2.80
N PHE C 250 -32.57 1.89 -2.21
CA PHE C 250 -31.98 2.68 -1.12
C PHE C 250 -31.65 1.80 0.07
N ASP C 251 -32.55 0.87 0.41
CA ASP C 251 -32.25 -0.07 1.49
C ASP C 251 -31.06 -0.94 1.12
N SER C 252 -30.98 -1.36 -0.14
CA SER C 252 -29.86 -2.18 -0.59
C SER C 252 -28.54 -1.46 -0.39
N ILE C 253 -28.45 -0.21 -0.82
CA ILE C 253 -27.19 0.52 -0.70
C ILE C 253 -26.93 1.02 0.71
N CYS C 254 -27.96 1.17 1.54
CA CYS C 254 -27.77 1.69 2.88
C CYS C 254 -27.23 0.64 3.83
N ASN C 255 -27.84 -0.54 3.87
CA ASN C 255 -27.40 -1.62 4.74
C ASN C 255 -26.37 -2.52 4.06
N ASN C 256 -25.81 -2.09 2.93
CA ASN C 256 -24.74 -2.82 2.29
C ASN C 256 -23.56 -2.96 3.25
N LYS C 257 -22.97 -4.16 3.28
CA LYS C 257 -21.92 -4.44 4.25
C LYS C 257 -20.72 -3.52 4.06
N TRP C 258 -20.42 -3.13 2.82
CA TRP C 258 -19.27 -2.28 2.57
C TRP C 258 -19.52 -0.85 3.01
N PHE C 259 -20.75 -0.37 2.84
CA PHE C 259 -21.10 1.01 3.20
C PHE C 259 -21.63 1.10 4.62
N THR C 260 -20.83 0.63 5.57
CA THR C 260 -21.26 0.65 6.97
C THR C 260 -21.14 2.04 7.57
N ASP C 261 -20.13 2.80 7.16
CA ASP C 261 -19.85 4.10 7.76
C ASP C 261 -20.12 5.30 6.87
N THR C 262 -20.09 5.12 5.55
CA THR C 262 -20.26 6.25 4.65
C THR C 262 -21.69 6.79 4.73
N SER C 263 -21.81 8.09 4.97
CA SER C 263 -23.12 8.70 5.07
C SER C 263 -23.80 8.74 3.70
N ILE C 264 -25.07 9.14 3.71
CA ILE C 264 -25.91 9.11 2.52
C ILE C 264 -26.46 10.51 2.30
N ILE C 265 -26.47 10.95 1.04
CA ILE C 265 -27.00 12.25 0.65
C ILE C 265 -28.23 12.01 -0.20
N LEU C 266 -29.39 12.46 0.26
CA LEU C 266 -30.62 12.29 -0.49
C LEU C 266 -30.93 13.54 -1.30
N PHE C 267 -31.73 13.35 -2.36
CA PHE C 267 -32.16 14.46 -3.20
C PHE C 267 -33.55 14.14 -3.73
N LEU C 268 -34.46 15.09 -3.60
CA LEU C 268 -35.85 14.90 -4.00
C LEU C 268 -36.19 15.95 -5.04
N ASN C 269 -36.24 15.53 -6.31
CA ASN C 269 -36.38 16.44 -7.43
C ASN C 269 -37.85 16.57 -7.83
N LYS C 270 -38.12 17.60 -8.63
CA LYS C 270 -39.46 17.91 -9.12
C LYS C 270 -40.45 18.02 -7.95
N LYS C 271 -39.98 18.68 -6.89
CA LYS C 271 -40.82 18.86 -5.71
C LYS C 271 -42.04 19.71 -6.01
N ASP C 272 -41.89 20.71 -6.88
CA ASP C 272 -43.04 21.54 -7.27
C ASP C 272 -44.06 20.73 -8.04
N LEU C 273 -43.60 19.99 -9.05
CA LEU C 273 -44.53 19.12 -9.79
C LEU C 273 -45.05 18.01 -8.89
N PHE C 274 -44.26 17.61 -7.90
CA PHE C 274 -44.75 16.68 -6.88
C PHE C 274 -45.92 17.29 -6.11
N GLU C 275 -45.81 18.57 -5.75
CA GLU C 275 -46.92 19.25 -5.10
C GLU C 275 -48.13 19.32 -6.00
N GLU C 276 -47.92 19.60 -7.28
CA GLU C 276 -49.05 19.67 -8.21
C GLU C 276 -49.74 18.32 -8.32
N LYS C 277 -48.97 17.24 -8.43
CA LYS C 277 -49.58 15.92 -8.58
C LYS C 277 -50.26 15.46 -7.31
N ILE C 278 -49.70 15.73 -6.14
CA ILE C 278 -50.39 15.38 -4.91
C ILE C 278 -51.60 16.28 -4.68
N LYS C 279 -51.63 17.46 -5.29
CA LYS C 279 -52.87 18.22 -5.35
C LYS C 279 -53.88 17.53 -6.25
N LYS C 280 -53.41 16.89 -7.33
CA LYS C 280 -54.27 16.20 -8.27
C LYS C 280 -54.42 14.71 -7.99
N SER C 281 -53.71 14.17 -7.00
CA SER C 281 -53.79 12.75 -6.68
C SER C 281 -53.83 12.55 -5.17
N PRO C 282 -54.48 11.49 -4.69
CA PRO C 282 -54.49 11.22 -3.25
C PRO C 282 -53.16 10.71 -2.74
N LEU C 283 -53.05 10.55 -1.42
CA LEU C 283 -51.77 10.22 -0.78
C LEU C 283 -51.67 8.78 -0.33
N THR C 284 -52.79 8.11 -0.04
CA THR C 284 -52.74 6.72 0.41
C THR C 284 -52.36 5.76 -0.70
N ILE C 285 -52.32 6.22 -1.94
CA ILE C 285 -51.98 5.34 -3.06
C ILE C 285 -50.56 4.81 -2.91
N CYS C 286 -49.62 5.70 -2.57
CA CYS C 286 -48.24 5.27 -2.37
C CYS C 286 -48.12 4.28 -1.22
N TYR C 287 -48.66 4.64 -0.06
CA TYR C 287 -48.60 3.79 1.12
C TYR C 287 -50.02 3.51 1.60
N PRO C 288 -50.51 2.28 1.45
CA PRO C 288 -51.85 1.94 1.96
C PRO C 288 -51.95 2.11 3.47
N GLU C 289 -50.85 1.88 4.18
CA GLU C 289 -50.83 1.96 5.63
C GLU C 289 -50.66 3.38 6.15
N TYR C 290 -50.52 4.36 5.27
CA TYR C 290 -50.32 5.74 5.65
C TYR C 290 -51.49 6.61 5.20
N ALA C 291 -52.01 7.41 6.11
CA ALA C 291 -53.04 8.39 5.82
C ALA C 291 -52.76 9.66 6.58
N GLY C 292 -53.17 10.78 6.00
CA GLY C 292 -52.92 12.06 6.63
C GLY C 292 -53.46 13.19 5.77
N SER C 293 -53.16 14.41 6.20
CA SER C 293 -53.54 15.58 5.43
C SER C 293 -52.77 15.63 4.11
N ASN C 294 -53.50 15.94 3.04
CA ASN C 294 -52.90 16.01 1.70
C ASN C 294 -52.31 17.40 1.49
N THR C 295 -51.31 17.72 2.31
CA THR C 295 -50.61 18.99 2.24
C THR C 295 -49.15 18.74 1.88
N TYR C 296 -48.58 19.68 1.13
CA TYR C 296 -47.24 19.50 0.57
C TYR C 296 -46.20 19.34 1.67
N GLU C 297 -46.24 20.20 2.69
CA GLU C 297 -45.18 20.19 3.69
C GLU C 297 -45.20 18.93 4.53
N GLU C 298 -46.39 18.53 5.01
CA GLU C 298 -46.48 17.32 5.82
C GLU C 298 -46.14 16.09 5.00
N ALA C 299 -46.54 16.06 3.72
CA ALA C 299 -46.22 14.92 2.88
C ALA C 299 -44.72 14.82 2.64
N ALA C 300 -44.08 15.95 2.37
CA ALA C 300 -42.63 15.95 2.17
C ALA C 300 -41.91 15.50 3.44
N ALA C 301 -42.35 16.02 4.59
CA ALA C 301 -41.73 15.60 5.84
C ALA C 301 -41.93 14.11 6.08
N TYR C 302 -43.13 13.61 5.81
CA TYR C 302 -43.41 12.19 6.02
C TYR C 302 -42.56 11.32 5.11
N ILE C 303 -42.43 11.69 3.84
CA ILE C 303 -41.64 10.86 2.93
C ILE C 303 -40.16 10.93 3.30
N GLN C 304 -39.67 12.09 3.73
CA GLN C 304 -38.30 12.19 4.18
C GLN C 304 -38.04 11.31 5.40
N CYS C 305 -38.96 11.35 6.37
CA CYS C 305 -38.81 10.50 7.55
C CYS C 305 -38.89 9.02 7.19
N GLN C 306 -39.81 8.66 6.28
CA GLN C 306 -39.93 7.28 5.87
C GLN C 306 -38.64 6.79 5.22
N PHE C 307 -38.06 7.61 4.34
CA PHE C 307 -36.78 7.24 3.74
C PHE C 307 -35.69 7.11 4.79
N GLU C 308 -35.66 8.04 5.75
CA GLU C 308 -34.63 8.03 6.78
C GLU C 308 -34.74 6.82 7.69
N ASP C 309 -35.95 6.36 7.99
CA ASP C 309 -36.13 5.23 8.91
C ASP C 309 -35.67 3.91 8.33
N LEU C 310 -35.39 3.85 7.02
CA LEU C 310 -35.07 2.58 6.38
C LEU C 310 -33.72 2.01 6.82
N ASN C 311 -32.84 2.82 7.39
CA ASN C 311 -31.54 2.33 7.80
C ASN C 311 -31.67 1.42 9.02
N LYS C 312 -30.75 0.47 9.12
CA LYS C 312 -30.66 -0.40 10.29
C LYS C 312 -29.63 0.07 11.30
N ARG C 313 -28.93 1.17 11.03
CA ARG C 313 -27.93 1.72 11.93
C ARG C 313 -27.98 3.23 11.87
N LYS C 314 -27.74 3.88 13.01
CA LYS C 314 -27.81 5.33 13.10
C LYS C 314 -26.54 5.92 13.68
N ASP C 315 -25.88 5.17 14.57
CA ASP C 315 -24.71 5.71 15.27
C ASP C 315 -23.58 6.02 14.31
N THR C 316 -23.33 5.14 13.33
CA THR C 316 -22.24 5.34 12.40
C THR C 316 -22.72 6.01 11.12
N LYS C 317 -23.82 5.51 10.56
CA LYS C 317 -24.33 6.04 9.30
C LYS C 317 -25.34 7.15 9.56
N GLU C 318 -25.17 8.26 8.84
CA GLU C 318 -26.08 9.40 8.92
C GLU C 318 -26.69 9.65 7.56
N ILE C 319 -27.91 10.20 7.56
CA ILE C 319 -28.65 10.48 6.35
C ILE C 319 -28.83 11.99 6.25
N TYR C 320 -28.40 12.57 5.14
CA TYR C 320 -28.50 13.99 4.90
C TYR C 320 -29.49 14.23 3.76
N THR C 321 -30.55 14.98 4.06
CA THR C 321 -31.65 15.17 3.13
C THR C 321 -31.62 16.58 2.56
N HIS C 322 -32.17 16.71 1.35
CA HIS C 322 -32.30 17.99 0.69
C HIS C 322 -33.64 18.00 -0.02
N PHE C 323 -33.95 19.11 -0.70
CA PHE C 323 -35.21 19.21 -1.41
C PHE C 323 -35.03 19.66 -2.85
N THR C 324 -33.81 19.66 -3.36
CA THR C 324 -33.49 20.14 -4.71
C THR C 324 -34.01 21.56 -4.90
N CYS C 325 -33.44 22.46 -4.09
CA CYS C 325 -33.85 23.85 -4.08
C CYS C 325 -33.45 24.56 -5.37
N ALA C 326 -34.43 24.80 -6.23
CA ALA C 326 -34.25 25.53 -7.49
C ALA C 326 -33.15 24.86 -8.31
N THR C 327 -32.48 25.63 -9.17
CA THR C 327 -31.36 25.13 -9.96
C THR C 327 -30.03 25.73 -9.53
N ASP C 328 -30.00 26.51 -8.44
CA ASP C 328 -28.79 27.21 -8.06
C ASP C 328 -27.84 26.27 -7.31
N THR C 329 -26.63 26.78 -7.05
CA THR C 329 -25.60 26.03 -6.36
C THR C 329 -25.89 25.85 -4.88
N LYS C 330 -27.05 26.29 -4.39
CA LYS C 330 -27.41 26.03 -3.00
C LYS C 330 -27.37 24.54 -2.71
N ASN C 331 -27.72 23.70 -3.69
CA ASN C 331 -27.51 22.27 -3.56
C ASN C 331 -26.02 21.96 -3.48
N VAL C 332 -25.21 22.63 -4.28
CA VAL C 332 -23.77 22.44 -4.24
C VAL C 332 -23.20 22.90 -2.89
N GLN C 333 -23.69 24.04 -2.40
CA GLN C 333 -23.26 24.48 -1.07
C GLN C 333 -23.67 23.48 0.00
N PHE C 334 -24.88 22.94 -0.11
CA PHE C 334 -25.34 21.96 0.86
C PHE C 334 -24.47 20.71 0.85
N VAL C 335 -24.15 20.21 -0.35
CA VAL C 335 -23.32 19.01 -0.42
C VAL C 335 -21.92 19.31 0.07
N PHE C 336 -21.40 20.51 -0.20
CA PHE C 336 -20.09 20.89 0.33
C PHE C 336 -20.09 20.91 1.85
N ASP C 337 -21.13 21.50 2.44
CA ASP C 337 -21.21 21.55 3.89
C ASP C 337 -21.37 20.16 4.49
N ALA C 338 -22.17 19.30 3.85
CA ALA C 338 -22.31 17.93 4.32
C ALA C 338 -21.00 17.18 4.24
N VAL C 339 -20.25 17.37 3.15
CA VAL C 339 -18.94 16.73 3.02
C VAL C 339 -18.01 17.23 4.11
N THR C 340 -18.04 18.53 4.40
CA THR C 340 -17.22 19.06 5.48
C THR C 340 -17.59 18.42 6.81
N ASP C 341 -18.90 18.32 7.09
CA ASP C 341 -19.35 17.73 8.35
C ASP C 341 -18.90 16.28 8.48
N VAL C 342 -19.07 15.49 7.41
CA VAL C 342 -18.71 14.08 7.50
C VAL C 342 -17.20 13.92 7.57
N ILE C 343 -16.44 14.79 6.91
CA ILE C 343 -14.98 14.77 7.03
C ILE C 343 -14.59 15.02 8.47
N ILE C 344 -15.22 16.01 9.10
CA ILE C 344 -14.91 16.32 10.50
C ILE C 344 -15.25 15.14 11.39
N LYS C 345 -16.41 14.51 11.17
CA LYS C 345 -16.82 13.38 11.98
C LYS C 345 -15.83 12.21 11.83
N ASN C 346 -15.47 11.89 10.59
CA ASN C 346 -14.51 10.80 10.37
C ASN C 346 -13.15 11.13 10.95
N ASN C 347 -12.70 12.37 10.82
CA ASN C 347 -11.41 12.77 11.38
C ASN C 347 -11.42 12.64 12.90
N LEU C 348 -12.52 13.05 13.54
CA LEU C 348 -12.63 12.88 14.98
C LEU C 348 -12.63 11.41 15.36
N LYS C 349 -13.34 10.58 14.59
CA LYS C 349 -13.35 9.15 14.87
C LYS C 349 -11.94 8.57 14.78
N ASP C 350 -11.18 8.99 13.76
CA ASP C 350 -9.79 8.56 13.65
C ASP C 350 -8.97 9.04 14.83
N CYS C 351 -9.19 10.29 15.26
CA CYS C 351 -8.53 10.83 16.43
C CYS C 351 -9.07 10.27 17.73
N GLY C 352 -10.17 9.52 17.67
CA GLY C 352 -10.71 8.90 18.87
C GLY C 352 -11.50 9.81 19.77
N LEU C 353 -11.81 11.02 19.32
CA LEU C 353 -12.64 11.93 20.10
C LEU C 353 -14.12 11.80 19.81
N PHE C 354 -14.51 11.04 18.80
CA PHE C 354 -15.92 10.95 18.43
C PHE C 354 -16.59 9.77 19.13
N GLU D 7 -45.99 -26.09 -29.18
CA GLU D 7 -44.81 -26.21 -30.04
C GLU D 7 -43.55 -25.84 -29.26
N LEU D 8 -43.58 -24.68 -28.60
CA LEU D 8 -42.45 -24.27 -27.77
C LEU D 8 -42.25 -25.21 -26.59
N ASP D 9 -43.35 -25.69 -25.99
CA ASP D 9 -43.25 -26.69 -24.94
C ASP D 9 -42.55 -27.95 -25.42
N GLN D 10 -42.76 -28.31 -26.69
CA GLN D 10 -42.04 -29.45 -27.25
C GLN D 10 -40.54 -29.19 -27.29
N LEU D 11 -40.14 -27.95 -27.63
CA LEU D 11 -38.72 -27.61 -27.61
C LEU D 11 -38.16 -27.67 -26.19
N ARG D 12 -38.91 -27.16 -25.22
CA ARG D 12 -38.45 -27.24 -23.82
C ARG D 12 -38.29 -28.69 -23.38
N GLN D 13 -39.27 -29.53 -23.72
CA GLN D 13 -39.20 -30.94 -23.36
C GLN D 13 -38.02 -31.63 -24.02
N GLU D 14 -37.77 -31.32 -25.29
CA GLU D 14 -36.61 -31.89 -25.97
C GLU D 14 -35.31 -31.45 -25.32
N ALA D 15 -35.23 -30.17 -24.95
CA ALA D 15 -34.01 -29.68 -24.30
C ALA D 15 -33.78 -30.37 -22.96
N GLU D 16 -34.83 -30.50 -22.14
CA GLU D 16 -34.64 -31.15 -20.85
C GLU D 16 -34.36 -32.64 -21.01
N GLN D 17 -34.94 -33.28 -22.03
CA GLN D 17 -34.65 -34.68 -22.30
C GLN D 17 -33.19 -34.86 -22.70
N LEU D 18 -32.68 -33.97 -23.56
CA LEU D 18 -31.26 -34.04 -23.93
C LEU D 18 -30.37 -33.79 -22.73
N LYS D 19 -30.75 -32.85 -21.86
CA LYS D 19 -29.98 -32.62 -20.64
C LYS D 19 -29.95 -33.86 -19.76
N ASN D 20 -31.09 -34.53 -19.60
CA ASN D 20 -31.14 -35.74 -18.82
C ASN D 20 -30.29 -36.84 -19.44
N GLN D 21 -30.32 -36.96 -20.78
CA GLN D 21 -29.51 -37.97 -21.43
C GLN D 21 -28.03 -37.70 -21.23
N ILE D 22 -27.62 -36.43 -21.30
CA ILE D 22 -26.23 -36.07 -21.02
C ILE D 22 -25.89 -36.44 -19.58
N ARG D 23 -26.78 -36.13 -18.64
CA ARG D 23 -26.53 -36.42 -17.23
C ARG D 23 -26.34 -37.91 -17.00
N ASP D 24 -27.22 -38.73 -17.57
CA ASP D 24 -27.12 -40.17 -17.34
C ASP D 24 -25.91 -40.76 -18.05
N ALA D 25 -25.54 -40.22 -19.23
CA ALA D 25 -24.31 -40.67 -19.86
C ALA D 25 -23.10 -40.36 -19.00
N ARG D 26 -23.05 -39.15 -18.42
CA ARG D 26 -21.95 -38.81 -17.52
C ARG D 26 -21.93 -39.72 -16.30
N LYS D 27 -23.09 -39.99 -15.72
CA LYS D 27 -23.15 -40.87 -14.55
C LYS D 27 -22.69 -42.28 -14.89
N ALA D 28 -23.08 -42.77 -16.07
CA ALA D 28 -22.62 -44.09 -16.52
C ALA D 28 -21.10 -44.10 -16.69
N CYS D 29 -20.55 -43.04 -17.27
CA CYS D 29 -19.09 -42.94 -17.38
C CYS D 29 -18.43 -42.68 -16.03
N ALA D 30 -19.19 -42.29 -15.02
CA ALA D 30 -18.66 -42.13 -13.67
C ALA D 30 -18.60 -43.49 -13.00
N ASP D 31 -17.39 -43.96 -12.70
CA ASP D 31 -17.20 -45.29 -12.14
C ASP D 31 -16.47 -45.31 -10.80
N ALA D 32 -15.68 -44.28 -10.48
CA ALA D 32 -14.91 -44.26 -9.26
C ALA D 32 -14.58 -42.81 -8.92
N THR D 33 -13.86 -42.63 -7.80
CA THR D 33 -13.49 -41.31 -7.34
C THR D 33 -11.98 -41.22 -7.15
N LEU D 34 -11.49 -39.98 -7.11
CA LEU D 34 -10.07 -39.75 -6.89
C LEU D 34 -9.69 -39.98 -5.43
N SER D 35 -10.62 -39.73 -4.50
CA SER D 35 -10.31 -39.92 -3.09
C SER D 35 -10.00 -41.38 -2.77
N GLN D 36 -10.76 -42.31 -3.35
CA GLN D 36 -10.56 -43.72 -3.06
C GLN D 36 -9.26 -44.28 -3.63
N ILE D 37 -8.56 -43.52 -4.48
CA ILE D 37 -7.29 -43.96 -5.03
C ILE D 37 -6.13 -43.09 -4.56
N THR D 38 -6.37 -41.83 -4.23
CA THR D 38 -5.28 -40.98 -3.74
C THR D 38 -4.78 -41.42 -2.38
N ASN D 39 -5.57 -42.20 -1.64
CA ASN D 39 -5.11 -42.77 -0.39
C ASN D 39 -3.92 -43.70 -0.60
N ASN D 40 -3.82 -44.31 -1.78
CA ASN D 40 -2.70 -45.20 -2.06
C ASN D 40 -1.38 -44.44 -2.07
N ILE D 41 -1.32 -43.35 -2.82
CA ILE D 41 -0.13 -42.51 -2.88
C ILE D 41 -0.06 -41.69 -1.59
N ASP D 42 1.14 -41.60 -1.02
CA ASP D 42 1.30 -40.86 0.21
C ASP D 42 1.02 -39.38 -0.03
N PRO D 43 0.42 -38.68 0.93
CA PRO D 43 0.29 -37.23 0.81
C PRO D 43 1.64 -36.56 1.06
N VAL D 44 1.73 -35.30 0.62
CA VAL D 44 2.94 -34.52 0.86
C VAL D 44 3.14 -34.31 2.35
N GLY D 45 2.06 -34.03 3.08
CA GLY D 45 2.16 -33.79 4.51
C GLY D 45 1.89 -32.34 4.86
N ARG D 46 2.91 -31.67 5.38
CA ARG D 46 2.81 -30.27 5.77
C ARG D 46 3.72 -29.44 4.88
N ILE D 47 3.25 -28.26 4.49
CA ILE D 47 4.00 -27.34 3.64
C ILE D 47 4.04 -25.97 4.32
N GLN D 48 5.24 -25.42 4.44
CA GLN D 48 5.44 -24.09 4.98
C GLN D 48 6.02 -23.19 3.91
N MET D 49 5.46 -21.99 3.77
CA MET D 49 5.90 -21.01 2.78
C MET D 49 6.29 -19.75 3.55
N ARG D 50 7.57 -19.64 3.91
CA ARG D 50 8.05 -18.46 4.61
C ARG D 50 8.10 -17.27 3.64
N THR D 51 7.65 -16.11 4.11
CA THR D 51 7.66 -14.92 3.28
C THR D 51 9.10 -14.50 2.96
N ARG D 52 9.30 -14.05 1.73
CA ARG D 52 10.62 -13.62 1.28
C ARG D 52 10.65 -12.14 0.93
N ARG D 53 9.69 -11.66 0.15
CA ARG D 53 9.65 -10.28 -0.29
C ARG D 53 8.24 -9.72 -0.09
N THR D 54 8.15 -8.42 0.17
CA THR D 54 6.89 -7.71 0.30
C THR D 54 7.00 -6.39 -0.43
N LEU D 55 6.00 -6.06 -1.24
CA LEU D 55 6.04 -4.91 -2.14
C LEU D 55 5.20 -3.79 -1.54
N ARG D 56 5.86 -2.83 -0.90
CA ARG D 56 5.20 -1.71 -0.24
C ARG D 56 5.19 -0.52 -1.19
N GLY D 57 4.34 -0.59 -2.22
CA GLY D 57 4.28 0.49 -3.18
C GLY D 57 2.92 1.11 -3.39
N HIS D 58 1.86 0.34 -3.13
CA HIS D 58 0.51 0.81 -3.40
C HIS D 58 -0.10 1.47 -2.19
N LEU D 59 -1.01 2.41 -2.42
CA LEU D 59 -1.76 3.10 -1.38
C LEU D 59 -3.26 2.93 -1.56
N ALA D 60 -3.65 1.84 -2.23
CA ALA D 60 -5.06 1.53 -2.43
C ALA D 60 -5.19 0.03 -2.68
N LYS D 61 -6.39 -0.47 -2.49
CA LYS D 61 -6.63 -1.90 -2.67
C LYS D 61 -6.39 -2.29 -4.12
N ILE D 62 -5.66 -3.38 -4.32
CA ILE D 62 -5.36 -3.89 -5.64
C ILE D 62 -6.44 -4.89 -6.04
N TYR D 63 -6.66 -5.03 -7.34
CA TYR D 63 -7.73 -5.89 -7.83
C TYR D 63 -7.26 -6.97 -8.80
N ALA D 64 -6.01 -6.91 -9.27
CA ALA D 64 -5.52 -7.94 -10.16
C ALA D 64 -4.00 -7.90 -10.18
N MET D 65 -3.41 -9.08 -10.39
CA MET D 65 -1.97 -9.20 -10.56
C MET D 65 -1.71 -10.35 -11.51
N HIS D 66 -0.52 -10.34 -12.12
CA HIS D 66 -0.16 -11.37 -13.07
C HIS D 66 1.35 -11.45 -13.17
N TRP D 67 1.85 -12.66 -13.40
CA TRP D 67 3.27 -12.86 -13.59
C TRP D 67 3.66 -12.67 -15.04
N GLY D 68 4.97 -12.61 -15.27
CA GLY D 68 5.52 -12.62 -16.60
C GLY D 68 6.15 -13.96 -16.92
N THR D 69 6.28 -14.23 -18.23
CA THR D 69 6.88 -15.49 -18.64
C THR D 69 8.34 -15.61 -18.24
N ASP D 70 9.01 -14.48 -17.99
CA ASP D 70 10.39 -14.54 -17.50
C ASP D 70 10.46 -14.98 -16.05
N SER D 71 9.31 -15.07 -15.36
CA SER D 71 9.22 -15.53 -13.99
C SER D 71 9.97 -14.64 -13.01
N ARG D 72 10.22 -13.39 -13.38
CA ARG D 72 10.84 -12.44 -12.47
C ARG D 72 10.08 -11.12 -12.37
N LEU D 73 9.39 -10.71 -13.44
CA LEU D 73 8.64 -9.47 -13.43
C LEU D 73 7.16 -9.76 -13.22
N LEU D 74 6.49 -8.89 -12.48
CA LEU D 74 5.06 -9.07 -12.24
C LEU D 74 4.36 -7.72 -12.26
N VAL D 75 3.15 -7.70 -12.82
CA VAL D 75 2.36 -6.49 -12.94
C VAL D 75 1.26 -6.51 -11.89
N SER D 76 1.10 -5.41 -11.18
CA SER D 76 0.07 -5.28 -10.16
C SER D 76 -0.78 -4.05 -10.44
N ALA D 77 -2.10 -4.24 -10.43
CA ALA D 77 -3.05 -3.18 -10.72
C ALA D 77 -3.90 -2.90 -9.49
N SER D 78 -3.90 -1.65 -9.05
CA SER D 78 -4.63 -1.23 -7.86
C SER D 78 -5.64 -0.14 -8.22
N GLN D 79 -6.62 0.03 -7.34
CA GLN D 79 -7.69 1.01 -7.56
C GLN D 79 -7.20 2.44 -7.43
N ASP D 80 -5.92 2.65 -7.15
CA ASP D 80 -5.35 3.99 -7.08
C ASP D 80 -5.23 4.66 -8.44
N GLY D 81 -5.48 3.93 -9.52
CA GLY D 81 -5.34 4.47 -10.86
C GLY D 81 -3.97 4.34 -11.47
N LYS D 82 -3.04 3.67 -10.81
CA LYS D 82 -1.69 3.47 -11.35
C LYS D 82 -1.31 2.01 -11.18
N LEU D 83 -0.88 1.38 -12.27
CA LEU D 83 -0.45 -0.01 -12.23
C LEU D 83 1.07 -0.07 -12.31
N ILE D 84 1.68 -0.96 -11.53
CA ILE D 84 3.10 -0.96 -11.32
C ILE D 84 3.71 -2.27 -11.78
N ILE D 85 4.88 -2.20 -12.38
CA ILE D 85 5.67 -3.37 -12.75
C ILE D 85 6.76 -3.55 -11.71
N TRP D 86 6.88 -4.76 -11.19
CA TRP D 86 7.77 -5.06 -10.07
C TRP D 86 8.77 -6.14 -10.45
N ASP D 87 10.01 -5.94 -9.98
CA ASP D 87 11.05 -6.96 -10.03
C ASP D 87 10.92 -7.81 -8.77
N SER D 88 10.73 -9.11 -8.95
CA SER D 88 10.59 -10.01 -7.81
C SER D 88 11.88 -10.06 -7.01
N TYR D 89 13.03 -10.11 -7.68
CA TYR D 89 14.29 -10.35 -6.98
C TYR D 89 14.71 -9.17 -6.13
N THR D 90 14.68 -7.96 -6.66
CA THR D 90 15.23 -6.81 -5.96
C THR D 90 14.18 -5.84 -5.45
N THR D 91 12.89 -6.10 -5.73
CA THR D 91 11.80 -5.22 -5.30
C THR D 91 12.00 -3.80 -5.78
N ASN D 92 12.16 -3.66 -7.10
CA ASN D 92 12.36 -2.37 -7.73
C ASN D 92 11.17 -2.02 -8.61
N LYS D 93 10.68 -0.80 -8.48
CA LYS D 93 9.53 -0.33 -9.26
C LYS D 93 10.04 0.01 -10.66
N VAL D 94 9.86 -0.93 -11.59
CA VAL D 94 10.35 -0.70 -12.95
C VAL D 94 9.59 0.45 -13.61
N HIS D 95 8.26 0.41 -13.55
CA HIS D 95 7.44 1.47 -14.09
C HIS D 95 6.13 1.55 -13.31
N ALA D 96 5.51 2.73 -13.36
CA ALA D 96 4.22 2.96 -12.73
C ALA D 96 3.36 3.75 -13.70
N ILE D 97 2.55 3.04 -14.47
CA ILE D 97 1.74 3.62 -15.54
C ILE D 97 0.46 4.16 -14.94
N PRO D 98 0.16 5.45 -15.09
CA PRO D 98 -1.14 5.97 -14.67
C PRO D 98 -2.24 5.47 -15.60
N LEU D 99 -3.46 5.41 -15.08
CA LEU D 99 -4.60 4.94 -15.85
C LEU D 99 -5.58 6.07 -16.10
N ARG D 100 -6.23 6.02 -17.26
CA ARG D 100 -7.26 6.99 -17.61
C ARG D 100 -8.50 6.87 -16.72
N SER D 101 -8.61 5.79 -15.96
CA SER D 101 -9.74 5.60 -15.05
C SER D 101 -9.27 4.72 -13.91
N SER D 102 -9.40 5.21 -12.68
CA SER D 102 -8.86 4.48 -11.54
C SER D 102 -9.54 3.15 -11.29
N TRP D 103 -10.75 2.95 -11.81
CA TRP D 103 -11.49 1.71 -11.59
C TRP D 103 -10.92 0.64 -12.51
N VAL D 104 -10.14 -0.27 -11.93
CA VAL D 104 -9.43 -1.30 -12.67
C VAL D 104 -9.78 -2.66 -12.08
N MET D 105 -10.10 -3.62 -12.95
CA MET D 105 -10.44 -4.97 -12.52
C MET D 105 -9.40 -6.01 -12.93
N THR D 106 -8.67 -5.79 -14.02
CA THR D 106 -7.78 -6.83 -14.53
C THR D 106 -6.52 -6.20 -15.12
N CYS D 107 -5.47 -7.02 -15.19
CA CYS D 107 -4.20 -6.59 -15.77
C CYS D 107 -3.49 -7.84 -16.30
N ALA D 108 -3.21 -7.87 -17.59
CA ALA D 108 -2.59 -9.02 -18.23
C ALA D 108 -1.18 -8.68 -18.71
N TYR D 109 -0.33 -9.70 -18.74
CA TYR D 109 1.05 -9.56 -19.17
C TYR D 109 1.29 -10.47 -20.37
N ALA D 110 1.86 -9.90 -21.44
CA ALA D 110 2.11 -10.67 -22.64
C ALA D 110 3.25 -11.66 -22.40
N PRO D 111 3.22 -12.83 -23.05
CA PRO D 111 4.35 -13.75 -22.91
C PRO D 111 5.66 -13.17 -23.38
N SER D 112 5.64 -12.32 -24.42
CA SER D 112 6.85 -11.67 -24.88
C SER D 112 7.25 -10.50 -24.01
N GLY D 113 6.35 -10.01 -23.15
CA GLY D 113 6.69 -8.98 -22.19
C GLY D 113 6.77 -7.58 -22.72
N ASN D 114 6.59 -7.38 -24.03
CA ASN D 114 6.68 -6.04 -24.60
C ASN D 114 5.37 -5.27 -24.47
N TYR D 115 4.28 -5.96 -24.14
CA TYR D 115 2.98 -5.32 -24.00
C TYR D 115 2.32 -5.77 -22.71
N VAL D 116 1.54 -4.86 -22.12
CA VAL D 116 0.80 -5.14 -20.90
C VAL D 116 -0.64 -4.71 -21.08
N ALA D 117 -1.58 -5.62 -20.83
CA ALA D 117 -2.99 -5.33 -20.92
C ALA D 117 -3.55 -5.02 -19.53
N CYS D 118 -4.53 -4.13 -19.51
CA CYS D 118 -5.15 -3.73 -18.25
C CYS D 118 -6.56 -3.25 -18.53
N GLY D 119 -7.54 -3.78 -17.80
CA GLY D 119 -8.93 -3.44 -18.03
C GLY D 119 -9.60 -2.99 -16.75
N GLY D 120 -10.71 -2.28 -16.92
CA GLY D 120 -11.43 -1.75 -15.78
C GLY D 120 -12.94 -1.71 -15.95
N LEU D 121 -13.58 -0.76 -15.31
CA LEU D 121 -15.04 -0.64 -15.36
C LEU D 121 -15.52 0.18 -16.53
N ASP D 122 -14.63 0.69 -17.37
CA ASP D 122 -14.99 1.44 -18.56
C ASP D 122 -15.35 0.54 -19.73
N ASN D 123 -15.40 -0.78 -19.52
CA ASN D 123 -15.61 -1.75 -20.57
C ASN D 123 -14.53 -1.67 -21.64
N ILE D 124 -13.34 -1.21 -21.24
CA ILE D 124 -12.23 -0.99 -22.16
C ILE D 124 -10.99 -1.64 -21.57
N CYS D 125 -10.41 -2.58 -22.31
CA CYS D 125 -9.10 -3.13 -21.96
C CYS D 125 -8.09 -2.39 -22.81
N SER D 126 -7.18 -1.69 -22.14
CA SER D 126 -6.14 -0.93 -22.83
C SER D 126 -4.84 -1.71 -22.79
N ILE D 127 -4.14 -1.70 -23.91
CA ILE D 127 -2.83 -2.32 -24.04
C ILE D 127 -1.79 -1.21 -24.10
N TYR D 128 -0.83 -1.26 -23.19
CA TYR D 128 0.32 -0.38 -23.19
C TYR D 128 1.53 -1.11 -23.77
N ASN D 129 2.37 -0.37 -24.47
CA ASN D 129 3.58 -0.90 -25.07
C ASN D 129 4.77 -0.53 -24.18
N LEU D 130 5.54 -1.53 -23.76
CA LEU D 130 6.66 -1.30 -22.86
C LEU D 130 7.93 -0.94 -23.63
N LYS D 131 8.39 -1.83 -24.51
CA LYS D 131 9.61 -1.60 -25.28
C LYS D 131 9.31 -0.55 -26.34
N THR D 132 9.76 0.68 -26.10
CA THR D 132 9.46 1.79 -26.98
C THR D 132 10.75 2.57 -27.29
N ARG D 133 10.72 3.25 -28.44
CA ARG D 133 11.85 4.08 -28.82
C ARG D 133 12.00 5.28 -27.89
N GLU D 134 10.88 5.90 -27.51
CA GLU D 134 10.91 7.09 -26.67
C GLU D 134 11.25 6.78 -25.21
N GLY D 135 11.14 5.53 -24.78
CA GLY D 135 11.48 5.18 -23.42
C GLY D 135 10.41 5.48 -22.39
N ASN D 136 9.27 6.00 -22.80
CA ASN D 136 8.16 6.27 -21.88
C ASN D 136 7.02 5.33 -22.23
N VAL D 137 6.32 4.85 -21.19
CA VAL D 137 5.25 3.88 -21.40
C VAL D 137 3.97 4.62 -21.76
N ARG D 138 3.57 4.52 -23.02
CA ARG D 138 2.37 5.16 -23.53
C ARG D 138 1.33 4.12 -23.88
N VAL D 139 0.06 4.52 -23.89
CA VAL D 139 -1.01 3.60 -24.20
C VAL D 139 -0.99 3.26 -25.68
N SER D 140 -0.95 1.97 -26.00
CA SER D 140 -0.97 1.57 -27.40
C SER D 140 -2.39 1.54 -27.95
N ARG D 141 -3.24 0.69 -27.39
CA ARG D 141 -4.57 0.46 -27.96
C ARG D 141 -5.61 0.43 -26.86
N GLU D 142 -6.87 0.67 -27.25
CA GLU D 142 -8.02 0.49 -26.37
C GLU D 142 -9.03 -0.38 -27.09
N LEU D 143 -9.46 -1.47 -26.46
CA LEU D 143 -10.46 -2.36 -27.03
C LEU D 143 -11.81 -2.03 -26.43
N ALA D 144 -12.39 -0.93 -26.89
CA ALA D 144 -13.70 -0.52 -26.42
C ALA D 144 -14.80 -1.28 -27.14
N GLY D 145 -16.03 -1.05 -26.72
CA GLY D 145 -17.18 -1.67 -27.37
C GLY D 145 -17.50 -3.05 -26.81
N HIS D 146 -17.47 -3.19 -25.50
CA HIS D 146 -17.76 -4.47 -24.86
C HIS D 146 -19.09 -4.50 -24.13
N THR D 147 -19.68 -3.34 -23.84
CA THR D 147 -21.03 -3.23 -23.27
C THR D 147 -21.14 -4.05 -21.97
N GLY D 148 -20.34 -3.66 -20.98
CA GLY D 148 -20.34 -4.33 -19.70
C GLY D 148 -18.98 -4.28 -19.05
N TYR D 149 -18.95 -4.30 -17.72
CA TYR D 149 -17.69 -4.23 -17.00
C TYR D 149 -16.80 -5.40 -17.36
N LEU D 150 -15.49 -5.17 -17.28
CA LEU D 150 -14.51 -6.16 -17.71
C LEU D 150 -14.18 -7.11 -16.56
N SER D 151 -14.14 -8.40 -16.86
CA SER D 151 -13.75 -9.39 -15.87
C SER D 151 -12.24 -9.61 -15.89
N CYS D 152 -11.71 -10.04 -17.03
CA CYS D 152 -10.27 -10.24 -17.17
C CYS D 152 -9.92 -10.35 -18.65
N CYS D 153 -8.74 -9.83 -18.99
CA CYS D 153 -8.17 -9.98 -20.33
C CYS D 153 -6.94 -10.86 -20.23
N ARG D 154 -6.68 -11.64 -21.29
CA ARG D 154 -5.55 -12.54 -21.32
C ARG D 154 -4.94 -12.55 -22.71
N PHE D 155 -3.61 -12.51 -22.76
CA PHE D 155 -2.89 -12.43 -24.01
C PHE D 155 -2.65 -13.81 -24.60
N LEU D 156 -3.05 -13.99 -25.85
CA LEU D 156 -2.67 -15.17 -26.62
C LEU D 156 -1.33 -14.94 -27.31
N ASP D 157 -1.27 -13.91 -28.16
CA ASP D 157 -0.05 -13.53 -28.86
C ASP D 157 0.13 -12.02 -28.73
N ASP D 158 1.17 -11.47 -29.35
CA ASP D 158 1.32 -10.02 -29.37
C ASP D 158 0.29 -9.33 -30.25
N ASN D 159 -0.52 -10.09 -30.99
CA ASN D 159 -1.61 -9.54 -31.77
C ASN D 159 -2.97 -10.14 -31.42
N GLN D 160 -3.03 -11.11 -30.52
CA GLN D 160 -4.29 -11.73 -30.12
C GLN D 160 -4.47 -11.63 -28.61
N ILE D 161 -5.70 -11.29 -28.20
CA ILE D 161 -6.05 -11.20 -26.80
C ILE D 161 -7.52 -11.55 -26.65
N VAL D 162 -7.86 -12.21 -25.54
CA VAL D 162 -9.23 -12.62 -25.26
C VAL D 162 -9.66 -11.94 -23.96
N THR D 163 -10.79 -11.22 -24.03
CA THR D 163 -11.31 -10.48 -22.90
C THR D 163 -12.65 -11.09 -22.47
N SER D 164 -12.99 -10.89 -21.21
CA SER D 164 -14.24 -11.39 -20.65
C SER D 164 -14.99 -10.22 -20.03
N SER D 165 -16.23 -10.00 -20.46
CA SER D 165 -16.95 -8.80 -20.07
C SER D 165 -18.17 -9.13 -19.24
N GLY D 166 -18.75 -8.08 -18.65
CA GLY D 166 -20.04 -8.19 -18.01
C GLY D 166 -21.20 -8.37 -18.97
N ASP D 167 -20.92 -8.32 -20.27
CA ASP D 167 -21.91 -8.56 -21.31
C ASP D 167 -22.25 -10.05 -21.39
N THR D 168 -21.80 -10.82 -20.40
CA THR D 168 -21.93 -12.27 -20.38
C THR D 168 -21.22 -12.91 -21.57
N THR D 169 -20.17 -12.25 -22.05
CA THR D 169 -19.52 -12.65 -23.30
C THR D 169 -18.02 -12.62 -23.16
N CYS D 170 -17.37 -13.30 -24.09
CA CYS D 170 -15.92 -13.26 -24.26
C CYS D 170 -15.62 -12.82 -25.68
N ALA D 171 -14.52 -12.12 -25.87
CA ALA D 171 -14.19 -11.59 -27.17
C ALA D 171 -12.73 -11.83 -27.52
N LEU D 172 -12.51 -12.37 -28.71
CA LEU D 172 -11.19 -12.45 -29.31
C LEU D 172 -11.05 -11.27 -30.25
N TRP D 173 -10.27 -10.28 -29.83
CA TRP D 173 -10.05 -9.06 -30.60
C TRP D 173 -8.84 -9.22 -31.52
N ASP D 174 -8.42 -8.11 -32.10
CA ASP D 174 -7.16 -8.07 -32.85
C ASP D 174 -6.46 -6.77 -32.47
N ILE D 175 -5.22 -6.89 -32.01
CA ILE D 175 -4.50 -5.71 -31.50
C ILE D 175 -4.29 -4.69 -32.60
N GLU D 176 -3.83 -5.14 -33.76
CA GLU D 176 -3.51 -4.20 -34.83
C GLU D 176 -4.75 -3.54 -35.41
N THR D 177 -5.85 -4.27 -35.52
CA THR D 177 -7.05 -3.73 -36.16
C THR D 177 -7.89 -2.92 -35.19
N GLY D 178 -8.35 -3.54 -34.10
CA GLY D 178 -9.14 -2.86 -33.10
C GLY D 178 -10.57 -3.34 -32.97
N GLN D 179 -10.98 -4.36 -33.71
CA GLN D 179 -12.30 -4.94 -33.59
C GLN D 179 -12.18 -6.42 -33.26
N GLN D 180 -13.21 -6.96 -32.61
CA GLN D 180 -13.19 -8.33 -32.15
C GLN D 180 -13.47 -9.26 -33.33
N THR D 181 -12.48 -10.09 -33.66
CA THR D 181 -12.68 -11.07 -34.73
C THR D 181 -13.70 -12.12 -34.33
N THR D 182 -13.66 -12.57 -33.07
CA THR D 182 -14.52 -13.66 -32.64
C THR D 182 -15.31 -13.25 -31.40
N THR D 183 -16.58 -13.64 -31.35
CA THR D 183 -17.45 -13.34 -30.22
C THR D 183 -17.97 -14.65 -29.65
N PHE D 184 -17.91 -14.78 -28.33
CA PHE D 184 -18.37 -15.96 -27.62
C PHE D 184 -19.48 -15.56 -26.68
N THR D 185 -20.64 -16.17 -26.84
CA THR D 185 -21.80 -15.88 -26.01
C THR D 185 -22.56 -17.18 -25.75
N GLY D 186 -23.62 -17.06 -24.95
CA GLY D 186 -24.43 -18.22 -24.59
C GLY D 186 -24.64 -18.32 -23.10
N HIS D 187 -23.69 -17.78 -22.33
CA HIS D 187 -23.83 -17.76 -20.89
C HIS D 187 -25.00 -16.88 -20.48
N THR D 188 -25.68 -17.28 -19.41
CA THR D 188 -26.82 -16.52 -18.90
C THR D 188 -26.35 -15.29 -18.12
N GLY D 189 -25.58 -15.50 -17.06
CA GLY D 189 -25.07 -14.42 -16.25
C GLY D 189 -23.73 -13.92 -16.73
N ASP D 190 -23.30 -12.81 -16.12
CA ASP D 190 -22.04 -12.19 -16.49
C ASP D 190 -20.86 -13.04 -16.03
N VAL D 191 -19.81 -13.05 -16.84
CA VAL D 191 -18.61 -13.83 -16.54
C VAL D 191 -17.73 -13.03 -15.59
N MET D 192 -16.91 -13.73 -14.81
CA MET D 192 -16.04 -13.09 -13.83
C MET D 192 -14.60 -13.58 -13.87
N SER D 193 -14.29 -14.62 -14.64
CA SER D 193 -12.91 -15.09 -14.74
C SER D 193 -12.72 -15.86 -16.03
N LEU D 194 -11.45 -16.05 -16.38
CA LEU D 194 -11.08 -16.68 -17.64
C LEU D 194 -9.69 -17.25 -17.51
N SER D 195 -9.44 -18.38 -18.19
CA SER D 195 -8.14 -19.05 -18.16
C SER D 195 -7.80 -19.57 -19.54
N LEU D 196 -6.50 -19.74 -19.79
CA LEU D 196 -5.99 -20.27 -21.04
C LEU D 196 -5.30 -21.60 -20.79
N ALA D 197 -5.56 -22.58 -21.65
CA ALA D 197 -4.83 -23.83 -21.58
C ALA D 197 -3.38 -23.61 -22.02
N PRO D 198 -2.45 -24.40 -21.49
CA PRO D 198 -1.04 -24.21 -21.88
C PRO D 198 -0.80 -24.38 -23.37
N ASP D 199 -1.53 -25.25 -24.04
CA ASP D 199 -1.40 -25.37 -25.49
C ASP D 199 -2.03 -24.20 -26.23
N THR D 200 -2.77 -23.34 -25.53
CA THR D 200 -3.36 -22.12 -26.09
C THR D 200 -4.33 -22.42 -27.22
N ARG D 201 -4.93 -23.62 -27.20
CA ARG D 201 -5.90 -24.00 -28.21
C ARG D 201 -7.34 -23.96 -27.72
N LEU D 202 -7.57 -24.05 -26.42
CA LEU D 202 -8.91 -23.95 -25.84
C LEU D 202 -8.85 -23.08 -24.60
N PHE D 203 -9.95 -22.38 -24.32
CA PHE D 203 -10.06 -21.56 -23.12
C PHE D 203 -11.43 -21.75 -22.50
N VAL D 204 -11.48 -21.57 -21.18
CA VAL D 204 -12.69 -21.78 -20.40
C VAL D 204 -13.17 -20.43 -19.89
N SER D 205 -14.44 -20.38 -19.47
CA SER D 205 -15.04 -19.18 -18.93
C SER D 205 -16.01 -19.55 -17.82
N GLY D 206 -16.00 -18.75 -16.75
CA GLY D 206 -16.91 -18.95 -15.63
C GLY D 206 -17.72 -17.71 -15.33
N ALA D 207 -19.01 -17.88 -15.09
CA ALA D 207 -19.92 -16.77 -14.90
C ALA D 207 -20.69 -16.94 -13.59
N CYS D 208 -21.69 -16.09 -13.40
CA CYS D 208 -22.57 -16.18 -12.24
C CYS D 208 -23.55 -17.34 -12.35
N ASP D 209 -23.63 -18.00 -13.51
CA ASP D 209 -24.54 -19.12 -13.72
C ASP D 209 -24.18 -20.35 -12.90
N ALA D 210 -23.12 -20.30 -12.10
CA ALA D 210 -22.61 -21.47 -11.38
C ALA D 210 -22.25 -22.60 -12.34
N SER D 211 -21.76 -22.24 -13.52
CA SER D 211 -21.38 -23.18 -14.56
C SER D 211 -20.21 -22.62 -15.34
N ALA D 212 -19.30 -23.50 -15.74
CA ALA D 212 -18.10 -23.13 -16.49
C ALA D 212 -18.13 -23.81 -17.84
N LYS D 213 -17.93 -23.04 -18.91
CA LYS D 213 -18.03 -23.57 -20.26
C LYS D 213 -16.74 -23.28 -21.01
N LEU D 214 -16.30 -24.24 -21.82
CA LEU D 214 -15.06 -24.08 -22.56
C LEU D 214 -15.36 -23.97 -24.04
N TRP D 215 -14.44 -23.35 -24.78
CA TRP D 215 -14.71 -22.92 -26.14
C TRP D 215 -13.59 -23.39 -27.06
N ASP D 216 -13.92 -23.51 -28.34
CA ASP D 216 -12.94 -23.83 -29.38
C ASP D 216 -12.38 -22.52 -29.91
N VAL D 217 -11.09 -22.27 -29.66
CA VAL D 217 -10.48 -21.03 -30.11
C VAL D 217 -10.45 -20.97 -31.63
N ARG D 218 -10.09 -22.07 -32.28
CA ARG D 218 -9.98 -22.06 -33.73
C ARG D 218 -11.32 -21.81 -34.39
N GLU D 219 -12.37 -22.50 -33.95
CA GLU D 219 -13.68 -22.33 -34.57
C GLU D 219 -14.39 -21.10 -34.04
N GLY D 220 -14.68 -21.07 -32.74
CA GLY D 220 -15.30 -19.90 -32.14
C GLY D 220 -16.57 -20.16 -31.38
N MET D 221 -16.89 -21.43 -31.14
CA MET D 221 -18.07 -21.80 -30.36
C MET D 221 -17.68 -22.76 -29.25
N CYS D 222 -18.47 -22.75 -28.19
CA CYS D 222 -18.21 -23.64 -27.07
C CYS D 222 -18.51 -25.09 -27.45
N ARG D 223 -17.61 -25.99 -27.07
CA ARG D 223 -17.84 -27.40 -27.32
C ARG D 223 -18.57 -28.07 -26.16
N GLN D 224 -18.43 -27.57 -24.94
CA GLN D 224 -19.21 -28.10 -23.83
C GLN D 224 -19.20 -27.15 -22.64
N THR D 225 -20.06 -27.48 -21.68
CA THR D 225 -20.28 -26.72 -20.45
C THR D 225 -20.41 -27.71 -19.30
N PHE D 226 -20.06 -27.26 -18.09
CA PHE D 226 -20.17 -28.06 -16.89
C PHE D 226 -20.87 -27.28 -15.80
N THR D 227 -21.68 -27.99 -15.01
CA THR D 227 -22.49 -27.37 -13.97
C THR D 227 -22.26 -28.07 -12.63
N GLY D 228 -23.06 -27.75 -11.62
CA GLY D 228 -22.94 -28.31 -10.29
C GLY D 228 -22.55 -27.31 -9.24
N HIS D 229 -22.07 -26.13 -9.61
CA HIS D 229 -21.72 -25.10 -8.64
C HIS D 229 -22.99 -24.53 -8.02
N GLU D 230 -22.83 -23.93 -6.83
CA GLU D 230 -23.95 -23.33 -6.13
C GLU D 230 -24.00 -21.81 -6.22
N SER D 231 -22.85 -21.15 -6.36
CA SER D 231 -22.85 -19.69 -6.48
C SER D 231 -22.04 -19.24 -7.68
N ASP D 232 -21.80 -17.93 -7.79
CA ASP D 232 -21.09 -17.38 -8.93
C ASP D 232 -19.63 -17.82 -8.92
N ILE D 233 -19.04 -17.90 -10.10
CA ILE D 233 -17.65 -18.33 -10.27
C ILE D 233 -16.78 -17.09 -10.32
N ASN D 234 -15.80 -17.01 -9.42
CA ASN D 234 -14.93 -15.84 -9.35
C ASN D 234 -13.51 -16.11 -9.80
N ALA D 235 -13.11 -17.37 -9.94
CA ALA D 235 -11.74 -17.66 -10.37
C ALA D 235 -11.67 -19.06 -10.95
N ILE D 236 -10.90 -19.21 -12.02
CA ILE D 236 -10.67 -20.49 -12.68
C ILE D 236 -9.18 -20.63 -12.94
N CYS D 237 -8.63 -21.82 -12.65
CA CYS D 237 -7.25 -22.12 -12.96
C CYS D 237 -7.17 -23.43 -13.73
N PHE D 238 -6.43 -23.41 -14.83
CA PHE D 238 -6.26 -24.58 -15.67
C PHE D 238 -5.14 -25.47 -15.15
N PHE D 239 -5.39 -26.77 -15.18
CA PHE D 239 -4.35 -27.72 -14.78
C PHE D 239 -3.19 -27.66 -15.78
N PRO D 240 -1.95 -27.72 -15.32
CA PRO D 240 -0.81 -27.56 -16.25
C PRO D 240 -0.80 -28.56 -17.39
N ASN D 241 -1.30 -29.78 -17.17
CA ASN D 241 -1.37 -30.74 -18.26
C ASN D 241 -2.38 -30.33 -19.33
N GLY D 242 -3.32 -29.45 -19.01
CA GLY D 242 -4.30 -29.00 -19.96
C GLY D 242 -5.48 -29.91 -20.17
N ASN D 243 -5.71 -30.87 -19.27
CA ASN D 243 -6.82 -31.81 -19.39
C ASN D 243 -7.80 -31.71 -18.23
N ALA D 244 -7.61 -30.75 -17.33
CA ALA D 244 -8.49 -30.60 -16.17
C ALA D 244 -8.33 -29.19 -15.62
N PHE D 245 -9.12 -28.89 -14.60
CA PHE D 245 -9.08 -27.57 -13.98
C PHE D 245 -9.90 -27.58 -12.70
N ALA D 246 -9.74 -26.53 -11.90
CA ALA D 246 -10.50 -26.32 -10.67
C ALA D 246 -11.01 -24.89 -10.64
N THR D 247 -12.27 -24.73 -10.22
CA THR D 247 -12.87 -23.41 -10.15
C THR D 247 -12.93 -22.91 -8.71
N GLY D 248 -13.61 -21.79 -8.52
CA GLY D 248 -13.80 -21.21 -7.20
C GLY D 248 -15.02 -20.32 -7.16
N SER D 249 -15.82 -20.45 -6.11
CA SER D 249 -17.07 -19.70 -5.99
C SER D 249 -17.17 -19.08 -4.59
N ASP D 250 -18.31 -18.45 -4.32
CA ASP D 250 -18.62 -17.97 -2.98
C ASP D 250 -19.18 -19.06 -2.10
N ASP D 251 -19.18 -20.31 -2.57
CA ASP D 251 -19.56 -21.46 -1.76
C ASP D 251 -18.38 -22.06 -1.02
N ALA D 252 -17.19 -21.49 -1.17
CA ALA D 252 -15.95 -22.05 -0.62
C ALA D 252 -15.71 -23.47 -1.13
N THR D 253 -16.17 -23.76 -2.34
CA THR D 253 -16.06 -25.07 -2.95
C THR D 253 -15.19 -24.97 -4.20
N CYS D 254 -14.01 -25.59 -4.16
CA CYS D 254 -13.12 -25.61 -5.30
C CYS D 254 -13.38 -26.90 -6.09
N ARG D 255 -14.47 -26.88 -6.86
CA ARG D 255 -14.84 -28.02 -7.67
C ARG D 255 -13.76 -28.28 -8.73
N LEU D 256 -13.56 -29.55 -9.05
CA LEU D 256 -12.58 -29.96 -10.03
C LEU D 256 -13.27 -30.69 -11.17
N PHE D 257 -12.93 -30.31 -12.40
CA PHE D 257 -13.50 -30.90 -13.60
C PHE D 257 -12.40 -31.37 -14.53
N ASP D 258 -12.72 -32.38 -15.33
CA ASP D 258 -11.79 -32.95 -16.31
C ASP D 258 -12.27 -32.59 -17.70
N LEU D 259 -11.33 -32.47 -18.64
CA LEU D 259 -11.70 -32.21 -20.02
C LEU D 259 -12.12 -33.49 -20.73
N ARG D 260 -11.23 -34.48 -20.80
CA ARG D 260 -11.51 -35.70 -21.54
C ARG D 260 -12.60 -36.54 -20.86
N ALA D 261 -12.66 -36.50 -19.53
CA ALA D 261 -13.73 -37.20 -18.83
C ALA D 261 -15.05 -36.44 -18.86
N ASP D 262 -15.03 -35.14 -19.15
CA ASP D 262 -16.23 -34.33 -19.29
C ASP D 262 -17.12 -34.41 -18.04
N GLN D 263 -16.49 -34.49 -16.88
CA GLN D 263 -17.24 -34.60 -15.63
C GLN D 263 -16.44 -33.92 -14.52
N GLU D 264 -16.98 -33.98 -13.31
CA GLU D 264 -16.35 -33.42 -12.12
C GLU D 264 -15.80 -34.55 -11.27
N LEU D 265 -14.53 -34.43 -10.89
CA LEU D 265 -13.91 -35.47 -10.05
C LEU D 265 -14.30 -35.30 -8.60
N MET D 266 -14.00 -34.14 -8.01
CA MET D 266 -14.17 -33.95 -6.59
C MET D 266 -14.35 -32.47 -6.28
N THR D 267 -15.08 -32.20 -5.21
CA THR D 267 -15.24 -30.86 -4.67
C THR D 267 -14.29 -30.64 -3.51
N TYR D 268 -13.90 -29.37 -3.31
CA TYR D 268 -12.97 -28.98 -2.25
C TYR D 268 -13.71 -28.04 -1.32
N SER D 269 -14.39 -28.63 -0.33
CA SER D 269 -15.20 -27.89 0.62
C SER D 269 -14.83 -28.32 2.03
N HIS D 270 -14.60 -27.36 2.91
CA HIS D 270 -14.31 -27.62 4.31
C HIS D 270 -15.21 -26.76 5.18
N ASP D 271 -15.52 -27.25 6.38
CA ASP D 271 -16.49 -26.58 7.23
C ASP D 271 -15.90 -25.42 8.01
N ASN D 272 -14.57 -25.27 8.02
CA ASN D 272 -13.96 -24.17 8.75
C ASN D 272 -14.18 -22.83 8.05
N ILE D 273 -14.17 -22.80 6.73
CA ILE D 273 -14.24 -21.56 5.96
C ILE D 273 -15.56 -21.54 5.22
N ILE D 274 -16.23 -20.39 5.21
CA ILE D 274 -17.54 -20.26 4.58
C ILE D 274 -17.59 -19.06 3.64
N CYS D 275 -16.52 -18.29 3.54
CA CYS D 275 -16.51 -17.10 2.70
C CYS D 275 -16.28 -17.50 1.24
N GLY D 276 -16.04 -16.51 0.39
CA GLY D 276 -15.89 -16.75 -1.03
C GLY D 276 -14.49 -17.15 -1.43
N ILE D 277 -14.36 -17.55 -2.70
CA ILE D 277 -13.08 -17.85 -3.31
C ILE D 277 -12.77 -16.77 -4.34
N THR D 278 -11.62 -16.14 -4.21
CA THR D 278 -11.27 -15.00 -5.06
C THR D 278 -10.28 -15.34 -6.17
N SER D 279 -9.26 -16.12 -5.87
CA SER D 279 -8.24 -16.43 -6.87
C SER D 279 -7.72 -17.84 -6.64
N VAL D 280 -7.78 -18.66 -7.68
CA VAL D 280 -7.29 -20.03 -7.63
C VAL D 280 -6.04 -20.12 -8.50
N SER D 281 -5.14 -21.03 -8.12
CA SER D 281 -3.90 -21.22 -8.86
C SER D 281 -3.44 -22.66 -8.68
N PHE D 282 -2.58 -23.10 -9.59
CA PHE D 282 -2.01 -24.43 -9.58
C PHE D 282 -0.51 -24.35 -9.30
N SER D 283 0.11 -25.52 -9.19
CA SER D 283 1.56 -25.64 -9.15
C SER D 283 2.05 -26.13 -10.50
N LYS D 284 3.37 -26.12 -10.68
CA LYS D 284 3.93 -26.65 -11.91
C LYS D 284 3.65 -28.14 -12.04
N SER D 285 3.76 -28.87 -10.93
CA SER D 285 3.49 -30.30 -10.94
C SER D 285 2.00 -30.61 -11.02
N GLY D 286 1.17 -29.85 -10.31
CA GLY D 286 -0.24 -30.13 -10.25
C GLY D 286 -0.68 -31.02 -9.11
N ARG D 287 0.23 -31.36 -8.19
CA ARG D 287 -0.16 -32.13 -7.02
C ARG D 287 -0.96 -31.28 -6.04
N LEU D 288 -0.70 -29.99 -6.00
CA LEU D 288 -1.30 -29.07 -5.04
C LEU D 288 -1.85 -27.86 -5.77
N LEU D 289 -2.80 -27.18 -5.14
CA LEU D 289 -3.33 -25.92 -5.66
C LEU D 289 -3.41 -24.91 -4.53
N LEU D 290 -3.47 -23.63 -4.89
CA LEU D 290 -3.60 -22.56 -3.92
C LEU D 290 -4.91 -21.81 -4.15
N ALA D 291 -5.52 -21.39 -3.05
CA ALA D 291 -6.79 -20.68 -3.12
C ALA D 291 -6.78 -19.51 -2.15
N GLY D 292 -7.10 -18.33 -2.66
CA GLY D 292 -7.21 -17.15 -1.84
C GLY D 292 -8.65 -16.81 -1.53
N TYR D 293 -9.06 -17.03 -0.29
CA TYR D 293 -10.43 -16.80 0.10
C TYR D 293 -10.62 -15.38 0.61
N ASP D 294 -11.86 -15.08 1.01
CA ASP D 294 -12.23 -13.76 1.50
C ASP D 294 -11.93 -13.57 2.98
N ASP D 295 -11.44 -14.60 3.67
CA ASP D 295 -11.20 -14.54 5.11
C ASP D 295 -9.73 -14.25 5.43
N PHE D 296 -9.07 -13.47 4.58
CA PHE D 296 -7.79 -12.83 4.88
C PHE D 296 -6.62 -13.79 4.83
N ASN D 297 -6.87 -15.07 4.59
CA ASN D 297 -5.80 -16.06 4.54
C ASN D 297 -5.94 -16.92 3.29
N CYS D 298 -4.80 -17.36 2.77
CA CYS D 298 -4.74 -18.23 1.60
C CYS D 298 -4.45 -19.66 2.03
N ASN D 299 -5.19 -20.59 1.45
CA ASN D 299 -5.02 -22.00 1.78
C ASN D 299 -4.35 -22.73 0.61
N VAL D 300 -3.70 -23.84 0.93
CA VAL D 300 -3.09 -24.68 -0.08
C VAL D 300 -3.59 -26.10 0.11
N TRP D 301 -4.44 -26.55 -0.82
CA TRP D 301 -5.01 -27.89 -0.73
C TRP D 301 -4.14 -28.85 -1.55
N ASP D 302 -4.42 -30.14 -1.43
CA ASP D 302 -3.80 -31.16 -2.28
C ASP D 302 -4.70 -31.31 -3.49
N ALA D 303 -4.16 -31.04 -4.68
CA ALA D 303 -4.96 -31.09 -5.89
C ALA D 303 -5.41 -32.50 -6.22
N LEU D 304 -4.88 -33.51 -5.55
CA LEU D 304 -5.29 -34.90 -5.75
C LEU D 304 -5.94 -35.52 -4.53
N LYS D 305 -5.43 -35.24 -3.32
CA LYS D 305 -5.94 -35.86 -2.11
C LYS D 305 -7.14 -35.14 -1.51
N ALA D 306 -7.46 -33.93 -1.98
CA ALA D 306 -8.63 -33.18 -1.54
C ALA D 306 -8.67 -32.97 -0.02
N ASP D 307 -7.54 -32.56 0.56
CA ASP D 307 -7.46 -32.28 1.98
C ASP D 307 -6.63 -31.01 2.20
N ARG D 308 -6.94 -30.29 3.27
CA ARG D 308 -6.20 -29.09 3.62
C ARG D 308 -4.78 -29.45 4.02
N ALA D 309 -3.80 -28.94 3.27
CA ALA D 309 -2.40 -29.23 3.50
C ALA D 309 -1.66 -28.09 4.16
N GLY D 310 -2.35 -27.03 4.54
CA GLY D 310 -1.72 -25.89 5.19
C GLY D 310 -2.49 -24.63 4.94
N VAL D 311 -2.06 -23.57 5.63
CA VAL D 311 -2.68 -22.26 5.54
C VAL D 311 -1.60 -21.20 5.41
N LEU D 312 -1.76 -20.31 4.45
CA LEU D 312 -0.91 -19.13 4.30
C LEU D 312 -1.73 -17.95 4.79
N ALA D 313 -1.44 -17.50 6.02
CA ALA D 313 -2.23 -16.46 6.66
C ALA D 313 -1.40 -15.20 6.90
N GLY D 314 -0.62 -14.80 5.90
CA GLY D 314 0.25 -13.65 6.04
C GLY D 314 -0.37 -12.31 5.75
N HIS D 315 -1.66 -12.26 5.44
CA HIS D 315 -2.33 -11.02 5.10
C HIS D 315 -3.42 -10.71 6.12
N ASP D 316 -3.67 -9.43 6.36
CA ASP D 316 -4.67 -8.97 7.32
C ASP D 316 -5.97 -8.57 6.64
N ASN D 317 -6.11 -8.81 5.34
CA ASN D 317 -7.30 -8.42 4.60
C ASN D 317 -7.48 -9.40 3.46
N ARG D 318 -8.62 -9.30 2.78
CA ARG D 318 -8.96 -10.26 1.74
C ARG D 318 -7.94 -10.20 0.61
N VAL D 319 -7.57 -11.37 0.10
CA VAL D 319 -6.58 -11.48 -0.97
C VAL D 319 -7.32 -11.42 -2.30
N SER D 320 -7.17 -10.30 -3.01
CA SER D 320 -7.85 -10.14 -4.28
C SER D 320 -7.29 -11.05 -5.35
N CYS D 321 -6.01 -11.39 -5.30
CA CYS D 321 -5.45 -12.20 -6.38
C CYS D 321 -4.21 -12.92 -5.90
N LEU D 322 -3.81 -13.94 -6.66
CA LEU D 322 -2.56 -14.64 -6.43
C LEU D 322 -2.07 -15.20 -7.75
N GLY D 323 -0.76 -15.34 -7.86
CA GLY D 323 -0.16 -15.83 -9.08
C GLY D 323 1.00 -16.76 -8.77
N VAL D 324 1.18 -17.75 -9.64
CA VAL D 324 2.24 -18.74 -9.51
C VAL D 324 3.16 -18.60 -10.70
N THR D 325 4.47 -18.56 -10.44
CA THR D 325 5.43 -18.46 -11.53
C THR D 325 5.36 -19.70 -12.41
N ASP D 326 5.38 -19.48 -13.73
CA ASP D 326 5.43 -20.60 -14.66
C ASP D 326 6.68 -21.44 -14.46
N ASP D 327 7.77 -20.83 -13.98
CA ASP D 327 8.93 -21.61 -13.57
C ASP D 327 8.61 -22.49 -12.38
N GLY D 328 7.73 -22.02 -11.50
CA GLY D 328 7.36 -22.76 -10.30
C GLY D 328 8.14 -22.39 -9.07
N MET D 329 8.92 -21.32 -9.11
CA MET D 329 9.77 -20.98 -7.97
C MET D 329 8.95 -20.42 -6.82
N ALA D 330 8.28 -19.29 -7.03
CA ALA D 330 7.62 -18.56 -5.97
C ALA D 330 6.16 -18.28 -6.31
N VAL D 331 5.44 -17.73 -5.32
CA VAL D 331 4.04 -17.38 -5.47
C VAL D 331 3.85 -15.96 -4.94
N ALA D 332 3.11 -15.14 -5.67
CA ALA D 332 2.79 -13.79 -5.25
C ALA D 332 1.34 -13.74 -4.79
N THR D 333 1.10 -13.13 -3.65
CA THR D 333 -0.25 -12.94 -3.12
C THR D 333 -0.53 -11.45 -2.98
N GLY D 334 -1.60 -10.98 -3.61
CA GLY D 334 -1.94 -9.58 -3.55
C GLY D 334 -3.29 -9.33 -2.93
N SER D 335 -3.32 -8.50 -1.89
CA SER D 335 -4.53 -8.32 -1.09
C SER D 335 -5.01 -6.87 -1.18
N TRP D 336 -6.19 -6.62 -0.60
CA TRP D 336 -6.78 -5.29 -0.61
C TRP D 336 -6.08 -4.32 0.32
N ASP D 337 -5.14 -4.79 1.13
CA ASP D 337 -4.37 -3.89 1.99
C ASP D 337 -3.24 -3.20 1.24
N SER D 338 -3.34 -3.11 -0.08
CA SER D 338 -2.30 -2.53 -0.92
C SER D 338 -0.96 -3.24 -0.76
N PHE D 339 -0.97 -4.56 -0.61
CA PHE D 339 0.24 -5.31 -0.34
C PHE D 339 0.35 -6.54 -1.23
N LEU D 340 1.52 -6.68 -1.85
CA LEU D 340 1.94 -7.91 -2.51
C LEU D 340 3.00 -8.58 -1.64
N LYS D 341 2.79 -9.86 -1.35
CA LYS D 341 3.71 -10.64 -0.53
C LYS D 341 4.21 -11.84 -1.33
N ILE D 342 5.50 -12.13 -1.21
CA ILE D 342 6.14 -13.20 -1.97
C ILE D 342 6.39 -14.37 -1.03
N TRP D 343 5.97 -15.56 -1.46
CA TRP D 343 6.06 -16.76 -0.65
C TRP D 343 6.78 -17.83 -1.47
N ASN D 344 7.83 -18.39 -0.91
CA ASN D 344 8.63 -19.38 -1.61
C ASN D 344 8.47 -20.75 -0.96
N ILE E 9 -38.49 -17.26 -29.13
CA ILE E 9 -38.67 -18.67 -29.45
C ILE E 9 -37.40 -19.22 -30.09
N ALA E 10 -36.74 -18.39 -30.90
CA ALA E 10 -35.51 -18.83 -31.56
C ALA E 10 -34.39 -19.11 -30.57
N GLN E 11 -34.42 -18.44 -29.40
CA GLN E 11 -33.43 -18.72 -28.37
C GLN E 11 -33.52 -20.16 -27.91
N ALA E 12 -34.74 -20.72 -27.86
CA ALA E 12 -34.89 -22.14 -27.56
C ALA E 12 -34.22 -23.00 -28.62
N ARG E 13 -34.36 -22.62 -29.89
CA ARG E 13 -33.71 -23.35 -30.96
C ARG E 13 -32.19 -23.33 -30.80
N LYS E 14 -31.64 -22.14 -30.52
CA LYS E 14 -30.20 -22.03 -30.35
C LYS E 14 -29.72 -22.88 -29.17
N LEU E 15 -30.43 -22.80 -28.05
CA LEU E 15 -30.02 -23.54 -26.85
C LEU E 15 -30.12 -25.04 -27.08
N VAL E 16 -31.18 -25.51 -27.74
CA VAL E 16 -31.31 -26.94 -27.95
C VAL E 16 -30.26 -27.43 -28.95
N GLU E 17 -29.93 -26.62 -29.97
CA GLU E 17 -28.88 -27.03 -30.88
C GLU E 17 -27.54 -27.11 -30.17
N GLN E 18 -27.23 -26.12 -29.33
CA GLN E 18 -25.98 -26.17 -28.57
C GLN E 18 -25.94 -27.36 -27.64
N LEU E 19 -27.05 -27.65 -26.97
CA LEU E 19 -27.09 -28.76 -26.02
C LEU E 19 -26.92 -30.09 -26.74
N LYS E 20 -27.58 -30.28 -27.88
CA LYS E 20 -27.44 -31.53 -28.62
C LYS E 20 -26.05 -31.65 -29.23
N MET E 21 -25.42 -30.53 -29.61
CA MET E 21 -24.04 -30.58 -30.06
C MET E 21 -23.11 -31.01 -28.94
N GLU E 22 -23.36 -30.51 -27.73
CA GLU E 22 -22.58 -30.94 -26.57
C GLU E 22 -22.93 -32.36 -26.14
N ALA E 23 -24.06 -32.89 -26.58
CA ALA E 23 -24.45 -34.24 -26.18
C ALA E 23 -23.61 -35.30 -26.87
N ASN E 24 -23.38 -35.14 -28.17
CA ASN E 24 -22.66 -36.12 -28.96
C ASN E 24 -21.15 -35.87 -28.84
N ILE E 25 -20.59 -36.33 -27.73
CA ILE E 25 -19.17 -36.20 -27.43
C ILE E 25 -18.65 -37.54 -26.94
N ASP E 26 -17.51 -37.96 -27.48
CA ASP E 26 -16.90 -39.24 -27.12
C ASP E 26 -16.03 -39.05 -25.88
N ARG E 27 -16.68 -39.03 -24.72
CA ARG E 27 -15.98 -38.91 -23.46
C ARG E 27 -15.32 -40.24 -23.09
N ILE E 28 -14.47 -40.20 -22.06
CA ILE E 28 -13.69 -41.35 -21.64
C ILE E 28 -14.04 -41.67 -20.18
N LYS E 29 -13.56 -42.83 -19.73
CA LYS E 29 -13.87 -43.30 -18.39
C LYS E 29 -13.22 -42.43 -17.33
N VAL E 30 -13.92 -42.25 -16.20
CA VAL E 30 -13.43 -41.38 -15.13
C VAL E 30 -12.15 -41.93 -14.51
N SER E 31 -12.09 -43.24 -14.24
CA SER E 31 -10.91 -43.81 -13.62
C SER E 31 -9.68 -43.64 -14.50
N LYS E 32 -9.86 -43.72 -15.82
CA LYS E 32 -8.76 -43.46 -16.74
C LYS E 32 -8.21 -42.05 -16.55
N ALA E 33 -9.12 -41.07 -16.47
CA ALA E 33 -8.70 -39.68 -16.27
C ALA E 33 -8.00 -39.51 -14.93
N ALA E 34 -8.52 -40.15 -13.88
CA ALA E 34 -7.89 -40.04 -12.57
C ALA E 34 -6.48 -40.63 -12.58
N ALA E 35 -6.32 -41.79 -13.22
CA ALA E 35 -4.99 -42.39 -13.32
C ALA E 35 -4.03 -41.50 -14.10
N ASP E 36 -4.52 -40.92 -15.20
CA ASP E 36 -3.66 -40.02 -15.99
C ASP E 36 -3.26 -38.80 -15.19
N LEU E 37 -4.21 -38.23 -14.44
CA LEU E 37 -3.89 -37.07 -13.61
C LEU E 37 -2.86 -37.42 -12.55
N MET E 38 -3.01 -38.58 -11.91
CA MET E 38 -2.02 -39.01 -10.91
C MET E 38 -0.65 -39.20 -11.54
N ALA E 39 -0.62 -39.81 -12.73
CA ALA E 39 0.66 -40.04 -13.41
C ALA E 39 1.33 -38.72 -13.77
N TYR E 40 0.56 -37.76 -14.27
CA TYR E 40 1.13 -36.45 -14.59
C TYR E 40 1.63 -35.75 -13.33
N CYS E 41 0.86 -35.84 -12.25
CA CYS E 41 1.26 -35.19 -11.01
C CYS E 41 2.55 -35.78 -10.46
N GLU E 42 2.68 -37.10 -10.49
CA GLU E 42 3.88 -37.74 -9.95
C GLU E 42 5.08 -37.58 -10.88
N ALA E 43 4.85 -37.50 -12.19
CA ALA E 43 5.96 -37.35 -13.13
C ALA E 43 6.72 -36.06 -12.90
N HIS E 44 6.01 -34.97 -12.64
CA HIS E 44 6.62 -33.66 -12.42
C HIS E 44 6.66 -33.29 -10.94
N ALA E 45 6.39 -34.24 -10.04
CA ALA E 45 6.37 -33.92 -8.62
C ALA E 45 7.75 -33.59 -8.08
N LYS E 46 8.76 -34.39 -8.45
CA LYS E 46 10.09 -34.20 -7.89
C LYS E 46 10.75 -32.91 -8.38
N GLU E 47 10.20 -32.29 -9.41
CA GLU E 47 10.74 -31.03 -9.94
C GLU E 47 9.88 -29.83 -9.55
N ASP E 48 9.17 -29.94 -8.43
CA ASP E 48 8.32 -28.85 -7.96
C ASP E 48 8.98 -28.18 -6.77
N PRO E 49 9.48 -26.94 -6.92
CA PRO E 49 10.13 -26.25 -5.79
C PRO E 49 9.20 -26.00 -4.62
N LEU E 50 7.90 -25.91 -4.83
CA LEU E 50 6.96 -25.69 -3.74
C LEU E 50 6.57 -26.99 -3.07
N LEU E 51 6.24 -28.02 -3.85
CA LEU E 51 5.92 -29.33 -3.30
C LEU E 51 7.12 -29.91 -2.58
N THR E 52 8.28 -29.91 -3.25
CA THR E 52 9.53 -30.34 -2.64
C THR E 52 10.37 -29.11 -2.35
N PRO E 53 10.59 -28.74 -1.08
CA PRO E 53 11.37 -27.54 -0.79
C PRO E 53 12.79 -27.63 -1.33
N VAL E 54 13.31 -26.49 -1.76
CA VAL E 54 14.63 -26.42 -2.38
C VAL E 54 15.64 -25.97 -1.34
N PRO E 55 16.85 -26.54 -1.34
CA PRO E 55 17.90 -26.02 -0.47
C PRO E 55 18.26 -24.60 -0.85
N ALA E 56 18.78 -23.87 0.14
CA ALA E 56 19.01 -22.44 -0.04
C ALA E 56 20.27 -22.19 -0.87
N SER E 57 20.32 -22.79 -2.05
CA SER E 57 21.35 -22.54 -3.05
C SER E 57 20.73 -22.20 -4.40
N GLU E 58 19.60 -22.81 -4.75
CA GLU E 58 18.83 -22.44 -5.93
C GLU E 58 17.72 -21.46 -5.58
N ASN E 59 17.66 -21.02 -4.33
CA ASN E 59 16.60 -20.11 -3.89
C ASN E 59 16.86 -18.72 -4.47
N PRO E 60 15.93 -18.17 -5.24
CA PRO E 60 16.12 -16.82 -5.78
C PRO E 60 15.94 -15.75 -4.72
N PHE E 61 15.64 -16.17 -3.50
CA PHE E 61 15.37 -15.24 -2.42
C PHE E 61 16.02 -15.71 -1.11
N VAL F 22 13.33 11.14 -32.10
CA VAL F 22 14.29 11.43 -31.05
C VAL F 22 15.58 11.97 -31.65
N GLN F 23 16.20 12.95 -30.97
CA GLN F 23 17.47 13.48 -31.44
C GLN F 23 18.12 14.28 -30.32
N LEU F 24 19.45 14.20 -30.28
CA LEU F 24 20.29 15.02 -29.39
C LEU F 24 21.10 15.96 -30.25
N VAL F 25 21.00 17.26 -29.97
CA VAL F 25 21.75 18.28 -30.70
C VAL F 25 22.59 19.05 -29.69
N GLU F 26 23.91 18.96 -29.83
CA GLU F 26 24.83 19.62 -28.92
C GLU F 26 25.46 20.83 -29.60
N SER F 27 25.79 21.83 -28.79
CA SER F 27 26.31 23.09 -29.30
C SER F 27 27.04 23.81 -28.18
N GLY F 28 27.72 24.89 -28.56
CA GLY F 28 28.47 25.68 -27.60
C GLY F 28 29.95 25.36 -27.62
N GLY F 29 30.41 24.72 -28.70
CA GLY F 29 31.80 24.36 -28.82
C GLY F 29 32.57 25.25 -29.78
N GLY F 30 33.76 25.68 -29.37
CA GLY F 30 34.58 26.53 -30.22
C GLY F 30 35.98 26.62 -29.66
N LEU F 31 36.87 27.18 -30.47
CA LEU F 31 38.27 27.32 -30.07
C LEU F 31 38.40 28.40 -29.01
N VAL F 32 39.14 28.08 -27.95
CA VAL F 32 39.43 29.02 -26.87
C VAL F 32 40.92 28.93 -26.54
N GLN F 33 41.31 29.69 -25.53
CA GLN F 33 42.70 29.74 -25.11
C GLN F 33 42.94 28.79 -23.95
N PRO F 34 44.18 28.31 -23.79
CA PRO F 34 44.49 27.47 -22.64
C PRO F 34 44.23 28.22 -21.33
N GLY F 35 43.72 27.48 -20.35
CA GLY F 35 43.30 28.09 -19.10
C GLY F 35 41.99 28.84 -19.16
N GLY F 36 41.28 28.79 -20.30
CA GLY F 36 40.03 29.49 -20.44
C GLY F 36 38.87 28.70 -19.89
N SER F 37 37.67 29.15 -20.26
CA SER F 37 36.43 28.51 -19.81
C SER F 37 35.46 28.42 -20.97
N ARG F 38 34.58 27.42 -20.91
CA ARG F 38 33.53 27.25 -21.89
C ARG F 38 32.45 26.35 -21.32
N LYS F 39 31.22 26.62 -21.74
CA LYS F 39 30.06 25.82 -21.34
C LYS F 39 29.28 25.43 -22.58
N LEU F 40 28.98 24.15 -22.71
CA LEU F 40 28.31 23.59 -23.88
C LEU F 40 26.93 23.08 -23.47
N SER F 41 25.95 23.33 -24.32
CA SER F 41 24.57 22.97 -24.06
C SER F 41 24.08 21.95 -25.06
N CYS F 42 23.31 20.98 -24.58
CA CYS F 42 22.73 19.92 -25.42
C CYS F 42 21.22 19.95 -25.27
N SER F 43 20.51 19.98 -26.39
CA SER F 43 19.06 19.95 -26.42
C SER F 43 18.59 18.62 -26.98
N ALA F 44 17.69 17.96 -26.26
CA ALA F 44 17.16 16.66 -26.65
C ALA F 44 15.68 16.75 -26.95
N SER F 45 15.22 15.91 -27.86
CA SER F 45 13.80 15.91 -28.21
C SER F 45 13.37 14.51 -28.62
N GLY F 46 12.06 14.27 -28.54
CA GLY F 46 11.48 13.01 -28.93
C GLY F 46 11.30 12.01 -27.81
N PHE F 47 11.70 12.33 -26.58
CA PHE F 47 11.64 11.37 -25.50
C PHE F 47 11.57 12.09 -24.16
N ALA F 48 11.25 11.33 -23.12
CA ALA F 48 11.12 11.86 -21.77
C ALA F 48 12.49 12.21 -21.19
N PHE F 49 12.86 13.49 -21.27
CA PHE F 49 14.18 13.94 -20.85
C PHE F 49 14.47 13.64 -19.38
N SER F 50 13.45 13.70 -18.52
CA SER F 50 13.70 13.53 -17.09
C SER F 50 13.94 12.07 -16.72
N SER F 51 13.43 11.14 -17.50
CA SER F 51 13.51 9.72 -17.15
C SER F 51 14.83 9.08 -17.51
N PHE F 52 15.73 9.80 -18.19
CA PHE F 52 16.99 9.25 -18.64
C PHE F 52 18.15 9.93 -17.93
N GLY F 53 19.07 9.13 -17.40
CA GLY F 53 20.34 9.66 -16.97
C GLY F 53 21.21 10.03 -18.15
N MET F 54 22.16 10.92 -17.92
CA MET F 54 22.96 11.45 -19.01
C MET F 54 24.43 11.23 -18.74
N HIS F 55 25.20 11.05 -19.82
CA HIS F 55 26.64 10.88 -19.74
C HIS F 55 27.31 11.75 -20.79
N TRP F 56 28.52 12.19 -20.47
CA TRP F 56 29.40 12.87 -21.41
C TRP F 56 30.62 11.99 -21.66
N VAL F 57 31.04 11.91 -22.91
CA VAL F 57 32.19 11.10 -23.29
C VAL F 57 33.07 11.91 -24.23
N ARG F 58 34.38 11.69 -24.14
CA ARG F 58 35.35 12.41 -24.95
C ARG F 58 36.06 11.45 -25.89
N GLN F 59 36.02 11.77 -27.17
CA GLN F 59 36.75 11.05 -28.22
C GLN F 59 37.94 11.91 -28.60
N ALA F 60 39.13 11.36 -28.41
CA ALA F 60 40.37 12.06 -28.73
C ALA F 60 40.47 12.25 -30.24
N PRO F 61 41.26 13.21 -30.71
CA PRO F 61 41.35 13.42 -32.17
C PRO F 61 41.83 12.19 -32.93
N GLU F 62 42.55 11.29 -32.28
CA GLU F 62 42.99 10.06 -32.94
C GLU F 62 42.60 8.83 -32.13
N LYS F 63 42.62 8.94 -30.81
CA LYS F 63 42.44 7.78 -29.95
C LYS F 63 40.95 7.43 -29.86
N GLY F 64 40.62 6.54 -28.91
CA GLY F 64 39.26 6.08 -28.74
C GLY F 64 38.46 6.93 -27.77
N LEU F 65 37.31 6.40 -27.38
CA LEU F 65 36.41 7.11 -26.48
C LEU F 65 36.94 7.11 -25.06
N GLU F 66 36.52 8.12 -24.29
CA GLU F 66 36.79 8.18 -22.87
C GLU F 66 35.61 8.87 -22.19
N TRP F 67 35.07 8.21 -21.17
CA TRP F 67 33.92 8.74 -20.45
C TRP F 67 34.31 9.94 -19.62
N VAL F 68 33.44 10.94 -19.58
CA VAL F 68 33.76 12.19 -18.92
C VAL F 68 33.02 12.29 -17.58
N ALA F 69 31.70 12.28 -17.63
CA ALA F 69 30.92 12.50 -16.42
C ALA F 69 29.53 11.91 -16.60
N TYR F 70 28.82 11.77 -15.48
CA TYR F 70 27.48 11.21 -15.48
C TYR F 70 26.59 11.98 -14.53
N ILE F 71 25.36 12.24 -14.96
CA ILE F 71 24.33 12.90 -14.17
C ILE F 71 23.14 11.95 -14.06
N SER F 72 22.68 11.73 -12.83
CA SER F 72 21.60 10.80 -12.59
C SER F 72 20.26 11.45 -12.93
N SER F 73 19.19 10.68 -12.82
CA SER F 73 17.84 11.19 -13.04
C SER F 73 17.48 12.16 -11.93
N GLY F 74 17.02 13.36 -12.31
CA GLY F 74 16.72 14.38 -11.33
C GLY F 74 17.91 14.91 -10.59
N SER F 75 19.12 14.77 -11.13
CA SER F 75 20.36 15.25 -10.52
C SER F 75 20.62 14.61 -9.17
N GLY F 76 20.10 13.41 -8.93
CA GLY F 76 20.28 12.75 -7.65
C GLY F 76 21.69 12.29 -7.36
N THR F 77 22.47 12.00 -8.40
CA THR F 77 23.85 11.55 -8.24
C THR F 77 24.67 12.06 -9.42
N ILE F 78 25.92 12.42 -9.16
CA ILE F 78 26.83 12.90 -10.18
C ILE F 78 28.16 12.19 -10.03
N TYR F 79 28.74 11.77 -11.15
CA TYR F 79 30.05 11.14 -11.19
C TYR F 79 30.97 11.92 -12.11
N TYR F 80 32.21 12.13 -11.65
CA TYR F 80 33.24 12.82 -12.41
C TYR F 80 34.44 11.93 -12.60
N ALA F 81 35.01 11.97 -13.80
CA ALA F 81 36.27 11.26 -14.05
C ALA F 81 37.40 11.96 -13.32
N ASP F 82 38.34 11.15 -12.80
CA ASP F 82 39.39 11.68 -11.94
C ASP F 82 40.22 12.76 -12.61
N THR F 83 40.38 12.70 -13.93
CA THR F 83 41.19 13.68 -14.65
C THR F 83 40.51 15.03 -14.78
N VAL F 84 39.22 15.12 -14.51
CA VAL F 84 38.49 16.38 -14.73
C VAL F 84 37.67 16.75 -13.51
N LYS F 85 37.96 16.13 -12.36
CA LYS F 85 37.20 16.42 -11.16
C LYS F 85 37.42 17.86 -10.72
N GLY F 86 36.34 18.52 -10.30
CA GLY F 86 36.41 19.88 -9.82
C GLY F 86 36.53 20.90 -10.94
N ARG F 87 37.48 20.69 -11.85
CA ARG F 87 37.67 21.60 -12.97
C ARG F 87 36.46 21.60 -13.89
N PHE F 88 35.73 20.49 -13.93
CA PHE F 88 34.55 20.36 -14.77
C PHE F 88 33.29 20.25 -13.91
N THR F 89 32.17 20.70 -14.45
CA THR F 89 30.91 20.55 -13.74
C THR F 89 29.78 20.48 -14.76
N ILE F 90 28.65 19.95 -14.32
CA ILE F 90 27.52 19.65 -15.19
C ILE F 90 26.22 19.99 -14.49
N SER F 91 25.16 20.10 -15.29
CA SER F 91 23.82 20.35 -14.78
C SER F 91 22.81 19.94 -15.83
N ARG F 92 21.57 19.77 -15.40
CA ARG F 92 20.47 19.45 -16.30
C ARG F 92 19.25 20.28 -15.94
N ASP F 93 18.56 20.76 -16.97
CA ASP F 93 17.33 21.53 -16.81
C ASP F 93 16.23 20.73 -17.51
N ASP F 94 15.58 19.86 -16.74
CA ASP F 94 14.55 18.99 -17.30
C ASP F 94 13.43 19.72 -18.01
N PRO F 95 12.87 20.83 -17.50
CA PRO F 95 11.70 21.42 -18.17
C PRO F 95 11.92 21.79 -19.62
N LYS F 96 13.13 22.21 -20.01
CA LYS F 96 13.40 22.51 -21.40
C LYS F 96 14.34 21.49 -22.05
N ASN F 97 14.50 20.32 -21.44
CA ASN F 97 15.23 19.19 -22.03
C ASN F 97 16.64 19.60 -22.45
N THR F 98 17.38 20.15 -21.50
CA THR F 98 18.68 20.72 -21.81
C THR F 98 19.71 20.23 -20.81
N LEU F 99 20.95 20.07 -21.28
CA LEU F 99 22.08 19.65 -20.47
C LEU F 99 23.18 20.68 -20.63
N PHE F 100 23.92 20.93 -19.53
CA PHE F 100 24.96 21.94 -19.53
C PHE F 100 26.25 21.34 -18.98
N LEU F 101 27.34 21.52 -19.71
CA LEU F 101 28.66 21.08 -19.29
C LEU F 101 29.58 22.30 -19.29
N GLN F 102 29.95 22.77 -18.11
CA GLN F 102 30.72 24.00 -17.95
C GLN F 102 32.06 23.68 -17.31
N MET F 103 33.14 24.16 -17.93
CA MET F 103 34.49 23.95 -17.44
C MET F 103 35.27 25.25 -17.53
N THR F 104 36.26 25.38 -16.66
CA THR F 104 37.19 26.50 -16.67
C THR F 104 38.61 25.95 -16.66
N SER F 105 39.58 26.86 -16.80
CA SER F 105 41.01 26.52 -16.71
C SER F 105 41.36 25.35 -17.64
N LEU F 106 40.84 25.44 -18.86
CA LEU F 106 41.02 24.37 -19.82
C LEU F 106 42.49 24.19 -20.18
N ARG F 107 42.91 22.93 -20.24
CA ARG F 107 44.26 22.59 -20.65
C ARG F 107 44.31 22.36 -22.16
N SER F 108 45.53 22.32 -22.70
CA SER F 108 45.71 22.06 -24.12
C SER F 108 45.40 20.62 -24.52
N GLU F 109 45.21 19.73 -23.55
CA GLU F 109 44.91 18.33 -23.83
C GLU F 109 43.42 18.04 -23.95
N ASP F 110 42.56 19.01 -23.65
CA ASP F 110 41.12 18.81 -23.71
C ASP F 110 40.56 18.91 -25.13
N THR F 111 41.39 19.27 -26.11
CA THR F 111 40.91 19.40 -27.48
C THR F 111 40.51 18.03 -28.04
N ALA F 112 39.20 17.82 -28.20
CA ALA F 112 38.66 16.54 -28.63
C ALA F 112 37.21 16.76 -29.04
N MET F 113 36.49 15.66 -29.29
CA MET F 113 35.09 15.73 -29.66
C MET F 113 34.25 15.14 -28.54
N TYR F 114 33.22 15.86 -28.11
CA TYR F 114 32.43 15.49 -26.95
C TYR F 114 31.05 15.01 -27.39
N TYR F 115 30.61 13.91 -26.82
CA TYR F 115 29.32 13.31 -27.11
C TYR F 115 28.48 13.20 -25.84
N CYS F 116 27.18 13.40 -25.99
CA CYS F 116 26.21 13.24 -24.91
C CYS F 116 25.35 12.02 -25.19
N VAL F 117 25.20 11.16 -24.19
CA VAL F 117 24.55 9.87 -24.35
C VAL F 117 23.52 9.68 -23.26
N ARG F 118 22.33 9.21 -23.63
CA ARG F 118 21.29 8.87 -22.68
C ARG F 118 21.45 7.43 -22.20
N SER F 119 21.00 7.18 -20.97
CA SER F 119 21.07 5.84 -20.40
C SER F 119 20.02 5.73 -19.32
N ILE F 120 19.17 4.70 -19.40
CA ILE F 120 18.13 4.44 -18.42
C ILE F 120 18.37 3.05 -17.85
N TYR F 121 18.25 2.92 -16.53
CA TYR F 121 18.65 1.71 -15.83
C TYR F 121 17.43 1.09 -15.13
N TYR F 122 16.92 0.01 -15.69
CA TYR F 122 15.95 -0.86 -15.03
C TYR F 122 16.23 -2.27 -15.51
N TYR F 123 15.49 -3.24 -14.97
CA TYR F 123 15.71 -4.63 -15.33
C TYR F 123 15.36 -4.83 -16.80
N GLY F 124 16.27 -5.44 -17.54
CA GLY F 124 16.05 -5.65 -18.96
C GLY F 124 16.21 -4.41 -19.81
N SER F 125 16.65 -3.31 -19.23
CA SER F 125 16.87 -2.08 -19.99
C SER F 125 18.20 -2.15 -20.74
N SER F 126 18.35 -1.25 -21.70
CA SER F 126 19.55 -1.16 -22.54
C SER F 126 20.06 0.27 -22.51
N PRO F 127 20.93 0.61 -21.55
CA PRO F 127 21.48 1.97 -21.51
C PRO F 127 22.38 2.23 -22.71
N PHE F 128 22.83 3.49 -22.81
CA PHE F 128 23.64 3.94 -23.93
C PHE F 128 22.90 3.75 -25.26
N ASP F 129 21.58 3.80 -25.20
CA ASP F 129 20.76 3.47 -26.37
C ASP F 129 21.04 4.41 -27.53
N PHE F 130 21.12 5.70 -27.26
CA PHE F 130 21.29 6.70 -28.30
C PHE F 130 22.56 7.50 -28.03
N TRP F 131 23.06 8.15 -29.08
CA TRP F 131 24.28 8.95 -29.00
C TRP F 131 24.04 10.32 -29.62
N GLY F 132 24.71 11.32 -29.05
CA GLY F 132 24.65 12.65 -29.62
C GLY F 132 25.43 12.75 -30.91
N GLN F 133 25.19 13.86 -31.61
CA GLN F 133 25.92 14.10 -32.86
C GLN F 133 27.40 14.26 -32.61
N GLY F 134 27.77 14.97 -31.56
CA GLY F 134 29.16 15.17 -31.21
C GLY F 134 29.62 16.58 -31.58
N THR F 135 30.34 17.20 -30.66
CA THR F 135 30.86 18.55 -30.85
C THR F 135 32.38 18.52 -30.70
N THR F 136 33.08 19.01 -31.72
CA THR F 136 34.52 19.10 -31.64
C THR F 136 34.93 20.21 -30.67
N LEU F 137 36.19 20.15 -30.24
CA LEU F 137 36.74 21.16 -29.35
C LEU F 137 38.23 21.31 -29.62
N THR F 138 38.71 22.54 -29.72
CA THR F 138 40.10 22.82 -30.05
C THR F 138 40.69 23.80 -29.05
N VAL F 139 41.82 23.41 -28.46
CA VAL F 139 42.57 24.25 -27.54
C VAL F 139 44.04 24.21 -27.94
N SER F 140 44.64 25.38 -28.12
CA SER F 140 46.05 25.48 -28.48
C SER F 140 46.91 25.68 -27.25
N SER F 156 43.10 1.84 -10.23
CA SER F 156 41.72 1.99 -9.80
C SER F 156 40.76 1.61 -10.92
N ASP F 157 41.05 2.08 -12.12
CA ASP F 157 40.20 1.82 -13.27
C ASP F 157 40.26 0.35 -13.67
N ILE F 158 39.15 -0.13 -14.23
CA ILE F 158 39.10 -1.47 -14.81
C ILE F 158 39.40 -1.31 -16.30
N VAL F 159 40.67 -1.50 -16.68
CA VAL F 159 41.09 -1.23 -18.05
C VAL F 159 40.54 -2.30 -18.98
N MET F 160 40.21 -1.91 -20.19
CA MET F 160 39.74 -2.81 -21.25
C MET F 160 40.86 -2.97 -22.26
N THR F 161 41.18 -4.21 -22.62
CA THR F 161 42.31 -4.51 -23.48
C THR F 161 41.84 -5.16 -24.77
N GLN F 162 42.23 -4.60 -25.90
CA GLN F 162 42.00 -5.19 -27.21
C GLN F 162 43.35 -5.57 -27.80
N ALA F 163 43.48 -6.83 -28.22
CA ALA F 163 44.78 -7.34 -28.66
C ALA F 163 45.25 -6.65 -29.93
N THR F 164 44.41 -6.59 -30.95
CA THR F 164 44.76 -5.98 -32.22
C THR F 164 43.98 -4.68 -32.43
N SER F 165 44.38 -3.93 -33.44
CA SER F 165 43.73 -2.66 -33.77
C SER F 165 43.41 -2.49 -35.25
N SER F 166 43.77 -3.43 -36.11
CA SER F 166 43.51 -3.32 -37.54
C SER F 166 43.49 -4.71 -38.14
N VAL F 167 42.38 -5.08 -38.78
CA VAL F 167 42.24 -6.40 -39.39
C VAL F 167 41.54 -6.27 -40.74
N PRO F 168 42.12 -6.82 -41.81
CA PRO F 168 41.46 -6.72 -43.12
C PRO F 168 40.35 -7.75 -43.27
N VAL F 169 39.23 -7.31 -43.83
CA VAL F 169 38.06 -8.15 -44.00
C VAL F 169 37.49 -7.97 -45.39
N THR F 170 36.69 -8.96 -45.81
CA THR F 170 36.00 -8.98 -47.08
C THR F 170 34.54 -9.34 -46.86
N PRO F 171 33.65 -8.91 -47.75
CA PRO F 171 32.22 -9.23 -47.58
C PRO F 171 31.98 -10.73 -47.57
N GLY F 172 31.00 -11.14 -46.76
CA GLY F 172 30.63 -12.54 -46.67
C GLY F 172 31.53 -13.40 -45.83
N GLU F 173 32.41 -12.81 -45.02
CA GLU F 173 33.34 -13.56 -44.20
C GLU F 173 33.07 -13.29 -42.72
N SER F 174 32.93 -14.36 -41.95
CA SER F 174 32.70 -14.24 -40.51
C SER F 174 34.01 -13.87 -39.81
N VAL F 175 33.94 -12.92 -38.89
CA VAL F 175 35.11 -12.41 -38.19
C VAL F 175 34.79 -12.31 -36.70
N SER F 176 35.75 -12.70 -35.87
CA SER F 176 35.61 -12.61 -34.42
C SER F 176 36.53 -11.51 -33.91
N ILE F 177 35.99 -10.68 -33.02
CA ILE F 177 36.73 -9.59 -32.38
C ILE F 177 36.81 -9.90 -30.89
N SER F 178 38.03 -10.03 -30.38
CA SER F 178 38.25 -10.40 -28.98
C SER F 178 38.66 -9.16 -28.19
N CYS F 179 38.37 -9.19 -26.89
CA CYS F 179 38.67 -8.09 -26.00
C CYS F 179 38.84 -8.62 -24.58
N ARG F 180 39.96 -8.28 -23.94
CA ARG F 180 40.25 -8.71 -22.60
C ARG F 180 40.12 -7.54 -21.62
N SER F 181 40.00 -7.87 -20.34
CA SER F 181 39.83 -6.88 -19.29
C SER F 181 40.80 -7.17 -18.15
N SER F 182 41.04 -6.15 -17.32
CA SER F 182 41.89 -6.28 -16.15
C SER F 182 41.23 -7.07 -15.03
N LYS F 183 39.92 -7.32 -15.11
CA LYS F 183 39.21 -8.04 -14.08
C LYS F 183 37.97 -8.67 -14.68
N SER F 184 37.43 -9.66 -13.99
CA SER F 184 36.20 -10.32 -14.42
C SER F 184 35.03 -9.33 -14.38
N LEU F 185 34.24 -9.33 -15.45
CA LEU F 185 33.10 -8.43 -15.56
C LEU F 185 31.79 -9.10 -15.19
N LEU F 186 31.82 -10.37 -14.77
CA LEU F 186 30.63 -11.04 -14.29
C LEU F 186 30.43 -10.72 -12.81
N HIS F 187 29.28 -10.12 -12.49
CA HIS F 187 28.95 -9.79 -11.12
C HIS F 187 28.23 -10.97 -10.47
N SER F 188 28.17 -10.93 -9.13
CA SER F 188 27.56 -12.02 -8.38
C SER F 188 26.08 -12.21 -8.71
N ASN F 189 25.42 -11.17 -9.24
CA ASN F 189 24.02 -11.28 -9.61
C ASN F 189 23.81 -12.06 -10.90
N GLY F 190 24.88 -12.43 -11.60
CA GLY F 190 24.80 -13.18 -12.83
C GLY F 190 24.96 -12.35 -14.09
N ASN F 191 24.89 -11.03 -13.98
CA ASN F 191 25.03 -10.18 -15.16
C ASN F 191 26.50 -10.00 -15.52
N THR F 192 26.76 -9.74 -16.80
CA THR F 192 28.09 -9.40 -17.29
C THR F 192 28.00 -8.03 -17.93
N TYR F 193 28.28 -6.99 -17.15
CA TYR F 193 28.06 -5.60 -17.57
C TYR F 193 29.13 -5.22 -18.58
N LEU F 194 28.96 -5.68 -19.82
CA LEU F 194 29.87 -5.37 -20.91
C LEU F 194 29.05 -4.90 -22.10
N TYR F 195 29.56 -3.91 -22.81
CA TYR F 195 28.88 -3.35 -23.97
C TYR F 195 29.84 -3.28 -25.15
N TRP F 196 29.30 -3.40 -26.35
CA TRP F 196 30.10 -3.32 -27.57
C TRP F 196 29.50 -2.24 -28.48
N PHE F 197 30.36 -1.43 -29.07
CA PHE F 197 29.94 -0.31 -29.90
C PHE F 197 30.66 -0.32 -31.23
N LEU F 198 29.96 0.09 -32.28
CA LEU F 198 30.53 0.29 -33.61
C LEU F 198 30.45 1.76 -33.96
N GLN F 199 31.58 2.36 -34.30
CA GLN F 199 31.63 3.72 -34.83
C GLN F 199 32.04 3.63 -36.29
N ARG F 200 31.08 3.91 -37.18
CA ARG F 200 31.40 4.02 -38.59
C ARG F 200 32.16 5.31 -38.84
N PRO F 201 32.97 5.36 -39.90
CA PRO F 201 33.78 6.57 -40.14
C PRO F 201 32.92 7.79 -40.45
N GLY F 202 32.92 8.76 -39.54
CA GLY F 202 32.22 10.01 -39.77
C GLY F 202 31.15 10.35 -38.76
N GLN F 203 30.54 9.34 -38.15
CA GLN F 203 29.40 9.59 -37.27
C GLN F 203 29.60 8.97 -35.88
N SER F 204 28.64 9.20 -34.99
CA SER F 204 28.71 8.73 -33.62
C SER F 204 28.56 7.21 -33.56
N PRO F 205 29.22 6.56 -32.61
CA PRO F 205 29.05 5.11 -32.45
C PRO F 205 27.68 4.77 -31.88
N GLN F 206 27.32 3.51 -32.04
CA GLN F 206 26.05 2.98 -31.55
C GLN F 206 26.29 1.68 -30.82
N LEU F 207 25.38 1.36 -29.90
CA LEU F 207 25.48 0.13 -29.12
C LEU F 207 25.20 -1.07 -30.00
N LEU F 208 26.07 -2.09 -29.90
CA LEU F 208 25.91 -3.32 -30.67
C LEU F 208 25.30 -4.43 -29.83
N ILE F 209 25.95 -4.80 -28.73
CA ILE F 209 25.41 -5.76 -27.78
C ILE F 209 25.58 -5.18 -26.39
N TYR F 210 24.56 -5.34 -25.56
CA TYR F 210 24.57 -4.93 -24.17
C TYR F 210 24.52 -6.16 -23.29
N ARG F 211 25.30 -6.15 -22.21
CA ARG F 211 25.47 -7.31 -21.34
C ARG F 211 26.06 -8.50 -22.09
N MET F 212 26.77 -8.21 -23.18
CA MET F 212 27.61 -9.14 -23.93
C MET F 212 26.83 -10.19 -24.70
N SER F 213 25.54 -10.28 -24.46
CA SER F 213 24.76 -11.33 -25.11
C SER F 213 23.53 -10.81 -25.84
N ASN F 214 22.87 -9.79 -25.31
CA ASN F 214 21.59 -9.35 -25.83
C ASN F 214 21.79 -8.34 -26.95
N LEU F 215 21.19 -8.60 -28.11
CA LEU F 215 21.22 -7.63 -29.20
C LEU F 215 20.30 -6.46 -28.88
N ALA F 216 20.73 -5.27 -29.29
CA ALA F 216 19.91 -4.08 -29.10
C ALA F 216 18.79 -4.03 -30.14
N SER F 217 17.87 -3.10 -29.94
CA SER F 217 16.81 -2.89 -30.91
C SER F 217 17.37 -2.24 -32.18
N GLY F 218 16.95 -2.75 -33.33
CA GLY F 218 17.35 -2.19 -34.60
C GLY F 218 18.68 -2.65 -35.13
N VAL F 219 19.39 -3.54 -34.44
CA VAL F 219 20.66 -4.05 -34.92
C VAL F 219 20.43 -5.41 -35.58
N PRO F 220 21.16 -5.74 -36.64
CA PRO F 220 20.93 -7.02 -37.32
C PRO F 220 21.33 -8.20 -36.46
N ASP F 221 20.67 -9.33 -36.72
CA ASP F 221 20.87 -10.54 -35.93
C ASP F 221 22.19 -11.24 -36.21
N ARG F 222 22.88 -10.89 -37.31
CA ARG F 222 24.13 -11.56 -37.65
C ARG F 222 25.19 -11.36 -36.57
N PHE F 223 25.05 -10.32 -35.74
CA PHE F 223 26.00 -10.08 -34.68
C PHE F 223 25.70 -10.97 -33.47
N SER F 224 26.75 -11.31 -32.73
CA SER F 224 26.63 -12.11 -31.53
C SER F 224 27.86 -11.87 -30.67
N GLY F 225 27.75 -12.22 -29.40
CA GLY F 225 28.85 -12.04 -28.47
C GLY F 225 28.86 -13.14 -27.44
N SER F 226 30.03 -13.38 -26.86
CA SER F 226 30.20 -14.44 -25.88
C SER F 226 31.44 -14.12 -25.04
N GLY F 227 31.82 -15.04 -24.16
CA GLY F 227 33.02 -14.92 -23.38
C GLY F 227 32.74 -15.06 -21.90
N SER F 228 33.78 -14.85 -21.10
CA SER F 228 33.70 -14.93 -19.64
C SER F 228 34.54 -13.81 -19.06
N GLY F 229 34.61 -13.75 -17.74
CA GLY F 229 35.27 -12.66 -17.05
C GLY F 229 36.66 -12.32 -17.57
N THR F 230 36.85 -11.05 -17.90
CA THR F 230 38.13 -10.50 -18.36
C THR F 230 38.57 -11.05 -19.71
N ALA F 231 37.69 -11.76 -20.43
CA ALA F 231 38.01 -12.24 -21.76
C ALA F 231 36.72 -12.51 -22.51
N PHE F 232 36.36 -11.64 -23.45
CA PHE F 232 35.11 -11.74 -24.16
C PHE F 232 35.35 -11.58 -25.66
N THR F 233 34.32 -11.83 -26.46
CA THR F 233 34.44 -11.78 -27.90
C THR F 233 33.10 -11.43 -28.52
N LEU F 234 33.14 -11.03 -29.79
CA LEU F 234 31.96 -10.70 -30.58
C LEU F 234 32.13 -11.30 -31.96
N THR F 235 31.12 -12.03 -32.43
CA THR F 235 31.19 -12.72 -33.70
C THR F 235 30.29 -12.03 -34.71
N ILE F 236 30.81 -11.79 -35.91
CA ILE F 236 30.03 -11.28 -37.03
C ILE F 236 30.01 -12.34 -38.11
N SER F 237 28.83 -12.81 -38.47
CA SER F 237 28.66 -13.88 -39.45
C SER F 237 28.08 -13.29 -40.73
N ARG F 238 28.65 -13.69 -41.87
CA ARG F 238 28.23 -13.20 -43.17
C ARG F 238 28.33 -11.67 -43.23
N LEU F 239 29.57 -11.20 -43.12
CA LEU F 239 29.82 -9.76 -43.11
C LEU F 239 29.39 -9.12 -44.43
N GLU F 240 28.82 -7.93 -44.34
CA GLU F 240 28.36 -7.20 -45.51
C GLU F 240 28.87 -5.76 -45.41
N ALA F 241 28.42 -4.92 -46.32
CA ALA F 241 28.85 -3.53 -46.35
C ALA F 241 28.23 -2.76 -45.17
N GLU F 242 28.71 -1.53 -44.99
CA GLU F 242 28.24 -0.62 -43.94
C GLU F 242 28.53 -1.18 -42.55
N ASP F 243 29.27 -2.28 -42.48
CA ASP F 243 29.69 -2.85 -41.21
C ASP F 243 31.14 -2.54 -40.88
N VAL F 244 31.79 -1.70 -41.67
CA VAL F 244 33.19 -1.35 -41.45
C VAL F 244 33.26 -0.17 -40.49
N GLY F 245 34.06 -0.32 -39.43
CA GLY F 245 34.21 0.74 -38.46
C GLY F 245 35.06 0.28 -37.30
N VAL F 246 35.12 1.12 -36.27
CA VAL F 246 35.91 0.85 -35.08
C VAL F 246 35.01 0.24 -34.02
N TYR F 247 35.46 -0.86 -33.43
CA TYR F 247 34.66 -1.62 -32.48
C TYR F 247 35.27 -1.50 -31.09
N TYR F 248 34.46 -1.06 -30.13
CA TYR F 248 34.93 -0.77 -28.78
C TYR F 248 34.19 -1.64 -27.76
N CYS F 249 34.94 -2.15 -26.80
CA CYS F 249 34.38 -2.85 -25.65
C CYS F 249 34.43 -1.93 -24.43
N MET F 250 33.29 -1.73 -23.77
CA MET F 250 33.17 -0.82 -22.65
C MET F 250 32.61 -1.55 -21.44
N GLN F 251 33.13 -1.23 -20.27
CA GLN F 251 32.71 -1.87 -19.02
C GLN F 251 31.81 -0.93 -18.24
N HIS F 252 30.82 -1.52 -17.54
CA HIS F 252 29.93 -0.76 -16.69
C HIS F 252 29.83 -1.38 -15.30
N LEU F 253 30.82 -2.19 -14.90
CA LEU F 253 30.78 -2.80 -13.56
C LEU F 253 30.87 -1.73 -12.47
N GLU F 254 31.77 -0.76 -12.64
CA GLU F 254 31.92 0.31 -11.65
C GLU F 254 32.53 1.52 -12.35
N TYR F 255 32.43 2.65 -11.67
CA TYR F 255 33.00 3.85 -12.29
C TYR F 255 34.46 4.00 -11.88
N PRO F 256 35.29 4.60 -12.76
CA PRO F 256 34.96 5.19 -14.07
C PRO F 256 34.66 4.13 -15.13
N LEU F 257 34.06 4.53 -16.24
CA LEU F 257 33.72 3.61 -17.33
C LEU F 257 34.83 3.68 -18.37
N THR F 258 35.71 2.70 -18.35
CA THR F 258 36.82 2.64 -19.30
C THR F 258 36.36 1.96 -20.60
N PHE F 259 36.97 2.35 -21.71
CA PHE F 259 36.67 1.76 -23.00
C PHE F 259 37.80 0.83 -23.44
N GLY F 260 37.53 0.08 -24.50
CA GLY F 260 38.56 -0.73 -25.11
C GLY F 260 39.45 0.09 -26.03
N ALA F 261 40.52 -0.56 -26.51
CA ALA F 261 41.42 0.10 -27.45
C ALA F 261 40.72 0.48 -28.74
N GLY F 262 39.79 -0.35 -29.21
CA GLY F 262 39.10 -0.10 -30.46
C GLY F 262 39.72 -0.83 -31.63
N THR F 263 38.93 -1.68 -32.27
CA THR F 263 39.40 -2.46 -33.41
C THR F 263 38.68 -1.97 -34.67
N LYS F 264 39.47 -1.60 -35.68
CA LYS F 264 38.94 -1.02 -36.92
C LYS F 264 38.97 -2.07 -38.01
N LEU F 265 37.93 -2.07 -38.85
CA LEU F 265 37.86 -2.99 -39.97
C LEU F 265 38.42 -2.34 -41.23
N GLU F 266 39.04 -3.15 -42.08
CA GLU F 266 39.63 -2.69 -43.33
C GLU F 266 39.20 -3.62 -44.46
N LEU F 267 38.97 -3.02 -45.63
CA LEU F 267 38.55 -3.76 -46.80
C LEU F 267 39.68 -3.84 -47.83
#